data_7SNE
#
_entry.id   7SNE
#
_cell.length_a   34.685
_cell.length_b   67.640
_cell.length_c   71.625
_cell.angle_alpha   91.550
_cell.angle_beta   90.215
_cell.angle_gamma   91.075
#
_symmetry.space_group_name_H-M   'P 1'
#
loop_
_entity.id
_entity.type
_entity.pdbx_description
1 polymer 'Pertussis toxin subunit 1'
2 non-polymer '[(2R,3S,4R,5R)-5-(6-amino-9H-purin-9-yl)-3,4-dihydroxyoxolan-2-yl]methyl [(2R,3S,4R,5S)-5-(3-carbamoylanilino)-3,4-dihydroxyoxolan-2-yl]methyl dihydrogen diphosphate (non-preferred name)'
3 water water
#
_entity_poly.entity_id   1
_entity_poly.type   'polypeptide(L)'
_entity_poly.pdbx_seq_one_letter_code
;GPGDPPATVYRYDSRPPEDVFQNGFTAWGNNDNVLEHLTGRSSQVGSSNSAFVSTSSSRRYTEVYLEHRMQEAVEAERAG
RGTGHFIGYIYEVRADNNFYGAASSYFEYVDTYGDNAGRILAGALATYQSEYLAHRRIPPENIRRVTRVYHNGITGETTT
TEYSNARYVSQQTRANPNPYTSRR
;
_entity_poly.pdbx_strand_id   A,B,C,D
#
# COMPACT_ATOMS: atom_id res chain seq x y z
N ASP A 4 -1.23 -1.91 12.24
CA ASP A 4 -0.40 -2.21 11.07
C ASP A 4 0.03 -3.68 11.13
N PRO A 5 0.51 -4.23 10.02
CA PRO A 5 1.07 -5.58 10.06
C PRO A 5 2.28 -5.61 10.98
N PRO A 6 2.60 -6.77 11.54
CA PRO A 6 3.68 -6.84 12.52
C PRO A 6 5.04 -6.56 11.90
N ALA A 7 5.90 -5.89 12.68
CA ALA A 7 7.31 -5.75 12.35
C ALA A 7 8.15 -6.90 12.87
N THR A 8 7.63 -7.65 13.84
CA THR A 8 8.39 -8.70 14.50
C THR A 8 7.55 -9.96 14.54
N VAL A 9 8.15 -11.07 14.14
CA VAL A 9 7.55 -12.39 14.26
C VAL A 9 8.59 -13.32 14.87
N TYR A 10 8.15 -14.52 15.19
CA TYR A 10 8.94 -15.51 15.90
C TYR A 10 8.83 -16.86 15.21
N ARG A 11 9.88 -17.67 15.31
CA ARG A 11 9.85 -19.01 14.72
C ARG A 11 10.56 -20.00 15.62
N TYR A 12 9.86 -21.07 16.00
CA TYR A 12 10.51 -22.21 16.63
C TYR A 12 11.16 -23.08 15.56
N ASP A 13 12.39 -23.54 15.81
CA ASP A 13 13.10 -24.42 14.91
C ASP A 13 14.11 -25.22 15.75
N SER A 14 14.46 -26.40 15.27
CA SER A 14 15.45 -27.20 15.95
C SER A 14 16.91 -26.84 15.60
N ARG A 15 17.08 -26.01 14.60
CA ARG A 15 18.42 -25.77 14.10
C ARG A 15 19.08 -24.58 14.79
N PRO A 16 20.40 -24.67 15.01
CA PRO A 16 21.11 -23.70 15.85
C PRO A 16 21.52 -22.45 15.09
N PRO A 17 21.91 -21.41 15.81
CA PRO A 17 22.24 -20.13 15.15
C PRO A 17 23.49 -20.18 14.30
N GLU A 18 24.43 -21.09 14.53
CA GLU A 18 25.57 -21.22 13.63
C GLU A 18 25.11 -21.44 12.20
N ASP A 19 23.98 -22.11 12.03
CA ASP A 19 23.34 -22.25 10.72
C ASP A 19 22.47 -21.03 10.42
N VAL A 20 21.44 -20.82 11.22
CA VAL A 20 20.39 -19.86 10.90
C VAL A 20 20.91 -18.42 10.83
N PHE A 21 21.77 -18.00 11.75
CA PHE A 21 22.19 -16.61 11.75
C PHE A 21 23.03 -16.26 10.52
N GLN A 22 23.72 -17.25 9.94
CA GLN A 22 24.51 -17.04 8.72
C GLN A 22 23.69 -17.25 7.45
N ASN A 23 22.85 -18.28 7.45
CA ASN A 23 22.22 -18.76 6.22
C ASN A 23 20.76 -18.37 6.11
N GLY A 24 20.18 -17.87 7.20
CA GLY A 24 18.76 -17.60 7.26
C GLY A 24 17.98 -18.90 7.25
N PHE A 25 16.69 -18.77 7.01
CA PHE A 25 15.84 -19.92 6.77
C PHE A 25 15.57 -20.03 5.27
N THR A 26 15.62 -21.26 4.76
CA THR A 26 15.23 -21.55 3.38
CA THR A 26 15.20 -21.53 3.39
C THR A 26 14.05 -22.52 3.42
N ALA A 27 13.03 -22.26 2.60
CA ALA A 27 11.89 -23.16 2.52
C ALA A 27 12.31 -24.53 1.99
N TRP A 28 11.49 -25.53 2.30
CA TRP A 28 11.78 -26.90 1.85
C TRP A 28 11.90 -27.01 0.32
N GLY A 29 11.05 -26.32 -0.41
CA GLY A 29 10.97 -26.57 -1.83
C GLY A 29 10.12 -25.57 -2.59
N ASN A 30 9.52 -26.03 -3.69
CA ASN A 30 8.86 -25.14 -4.62
C ASN A 30 7.35 -25.34 -4.63
N ASN A 31 6.80 -26.00 -3.62
CA ASN A 31 5.36 -26.16 -3.51
C ASN A 31 4.74 -24.88 -3.00
N ASP A 32 4.19 -24.10 -3.91
CA ASP A 32 3.70 -22.76 -3.63
C ASP A 32 2.23 -22.76 -3.22
N ASN A 33 1.65 -23.91 -2.89
CA ASN A 33 0.24 -23.98 -2.52
C ASN A 33 0.03 -23.59 -1.05
N VAL A 34 -0.61 -22.43 -0.81
CA VAL A 34 -0.79 -21.89 0.54
C VAL A 34 -1.65 -22.83 1.39
N LEU A 35 -2.65 -23.45 0.78
CA LEU A 35 -3.56 -24.28 1.54
C LEU A 35 -2.87 -25.54 2.02
N GLU A 36 -2.06 -26.17 1.16
CA GLU A 36 -1.28 -27.32 1.59
CA GLU A 36 -1.29 -27.33 1.60
C GLU A 36 -0.32 -26.96 2.72
N HIS A 37 0.26 -25.77 2.67
CA HIS A 37 1.14 -25.37 3.76
C HIS A 37 0.36 -25.21 5.06
N LEU A 38 -0.70 -24.41 5.02
CA LEU A 38 -1.36 -24.04 6.26
C LEU A 38 -2.03 -25.23 6.92
N THR A 39 -2.47 -26.21 6.13
CA THR A 39 -3.16 -27.36 6.68
C THR A 39 -2.22 -28.50 7.06
N GLY A 40 -0.91 -28.30 6.93
CA GLY A 40 0.03 -29.27 7.45
C GLY A 40 0.40 -30.37 6.51
N ARG A 41 0.26 -30.16 5.20
CA ARG A 41 0.54 -31.19 4.23
C ARG A 41 1.92 -31.10 3.61
N SER A 42 2.57 -29.93 3.57
CA SER A 42 3.76 -29.75 2.76
C SER A 42 5.02 -29.44 3.57
N SER A 43 4.96 -29.53 4.90
CA SER A 43 6.13 -29.32 5.73
C SER A 43 6.81 -30.67 6.02
N GLN A 44 7.67 -30.71 7.05
CA GLN A 44 8.57 -31.84 7.25
C GLN A 44 7.84 -33.17 7.36
N VAL A 45 6.76 -33.25 8.15
CA VAL A 45 6.06 -34.52 8.36
C VAL A 45 5.14 -34.87 7.20
N GLY A 46 5.01 -34.00 6.20
CA GLY A 46 4.24 -34.29 5.00
C GLY A 46 5.11 -34.45 3.77
N SER A 47 4.85 -33.64 2.74
CA SER A 47 5.60 -33.73 1.48
C SER A 47 6.92 -32.98 1.50
N SER A 48 7.20 -32.22 2.57
CA SER A 48 8.53 -31.63 2.77
CA SER A 48 8.52 -31.61 2.77
C SER A 48 9.00 -30.86 1.54
N ASN A 49 8.10 -30.06 0.96
CA ASN A 49 8.43 -29.32 -0.25
C ASN A 49 7.81 -27.92 -0.26
N SER A 50 7.26 -27.45 0.85
CA SER A 50 6.63 -26.14 0.88
C SER A 50 7.60 -25.03 0.48
N ALA A 51 7.07 -24.02 -0.20
CA ALA A 51 7.81 -22.80 -0.51
C ALA A 51 7.66 -21.73 0.58
N PHE A 52 7.06 -22.06 1.72
CA PHE A 52 6.81 -21.09 2.78
C PHE A 52 7.54 -21.49 4.05
N VAL A 53 7.88 -20.48 4.86
CA VAL A 53 8.46 -20.68 6.18
C VAL A 53 7.52 -20.00 7.19
N SER A 54 6.89 -20.79 8.04
CA SER A 54 5.97 -20.23 9.03
C SER A 54 6.70 -19.49 10.15
N THR A 55 6.05 -18.43 10.61
CA THR A 55 6.40 -17.64 11.77
C THR A 55 5.09 -17.24 12.46
N SER A 56 5.20 -16.71 13.68
CA SER A 56 4.05 -16.20 14.41
C SER A 56 4.29 -14.78 14.90
N SER A 57 3.26 -13.92 14.84
CA SER A 57 3.36 -12.65 15.55
C SER A 57 3.27 -12.81 17.06
N SER A 58 2.88 -13.99 17.53
CA SER A 58 2.70 -14.28 18.94
C SER A 58 3.90 -15.10 19.41
N ARG A 59 4.77 -14.49 20.23
CA ARG A 59 5.86 -15.28 20.79
C ARG A 59 5.33 -16.49 21.55
N ARG A 60 4.22 -16.31 22.27
CA ARG A 60 3.66 -17.41 23.04
C ARG A 60 3.37 -18.63 22.17
N TYR A 61 2.88 -18.41 20.95
CA TYR A 61 2.61 -19.53 20.06
C TYR A 61 3.86 -20.40 19.88
N THR A 62 5.01 -19.75 19.69
CA THR A 62 6.23 -20.52 19.47
C THR A 62 6.74 -21.15 20.76
N GLU A 63 6.45 -20.53 21.91
CA GLU A 63 6.79 -21.13 23.20
C GLU A 63 5.96 -22.38 23.47
N VAL A 64 4.66 -22.34 23.14
CA VAL A 64 3.82 -23.52 23.26
C VAL A 64 4.37 -24.65 22.39
N TYR A 65 4.82 -24.30 21.17
CA TYR A 65 5.39 -25.28 20.26
C TYR A 65 6.65 -25.91 20.87
N LEU A 66 7.56 -25.07 21.36
CA LEU A 66 8.78 -25.57 22.01
C LEU A 66 8.45 -26.45 23.21
N GLU A 67 7.52 -26.01 24.06
CA GLU A 67 7.14 -26.78 25.23
C GLU A 67 6.58 -28.14 24.83
N HIS A 68 5.78 -28.17 23.77
CA HIS A 68 5.21 -29.44 23.32
C HIS A 68 6.29 -30.40 22.86
N ARG A 69 7.25 -29.90 22.10
CA ARG A 69 8.32 -30.75 21.60
C ARG A 69 9.21 -31.23 22.75
N MET A 70 9.45 -30.36 23.73
CA MET A 70 10.23 -30.80 24.90
C MET A 70 9.48 -31.90 25.65
N GLN A 71 8.17 -31.73 25.83
CA GLN A 71 7.38 -32.74 26.53
C GLN A 71 7.41 -34.08 25.80
N GLU A 72 7.49 -34.09 24.48
CA GLU A 72 7.56 -35.36 23.75
C GLU A 72 8.87 -36.08 24.12
N ALA A 73 9.96 -35.31 24.26
CA ALA A 73 11.22 -35.94 24.65
C ALA A 73 11.11 -36.53 26.05
N VAL A 74 10.45 -35.83 26.97
CA VAL A 74 10.28 -36.32 28.33
C VAL A 74 9.46 -37.60 28.32
N GLU A 75 8.34 -37.60 27.59
CA GLU A 75 7.52 -38.81 27.54
C GLU A 75 8.32 -39.96 26.96
N ALA A 76 9.18 -39.68 25.99
CA ALA A 76 9.98 -40.74 25.40
C ALA A 76 10.92 -41.36 26.43
N GLU A 77 11.56 -40.53 27.26
CA GLU A 77 12.47 -41.05 28.27
C GLU A 77 11.72 -41.96 29.24
N ARG A 78 10.52 -41.54 29.66
CA ARG A 78 9.74 -42.33 30.59
C ARG A 78 9.35 -43.67 29.99
N ALA A 79 9.12 -43.71 28.68
CA ALA A 79 8.79 -44.95 27.99
C ALA A 79 10.03 -45.77 27.63
N GLY A 80 11.21 -45.35 28.07
CA GLY A 80 12.43 -46.06 27.76
C GLY A 80 12.84 -45.96 26.30
N ARG A 81 12.54 -44.84 25.65
CA ARG A 81 12.78 -44.67 24.22
C ARG A 81 13.71 -43.51 23.91
N GLY A 82 14.41 -42.98 24.90
CA GLY A 82 15.32 -41.87 24.71
C GLY A 82 15.85 -41.41 26.04
N THR A 83 16.82 -40.49 25.98
CA THR A 83 17.42 -39.98 27.21
C THR A 83 16.68 -38.78 27.79
N GLY A 84 15.73 -38.21 27.07
CA GLY A 84 14.97 -37.07 27.56
C GLY A 84 15.59 -35.71 27.27
N HIS A 85 16.80 -35.68 26.76
CA HIS A 85 17.44 -34.40 26.44
C HIS A 85 16.72 -33.73 25.28
N PHE A 86 16.76 -32.40 25.29
CA PHE A 86 16.06 -31.63 24.26
C PHE A 86 16.72 -30.26 24.15
N ILE A 87 16.92 -29.81 22.93
CA ILE A 87 17.40 -28.46 22.65
C ILE A 87 16.47 -27.86 21.61
N GLY A 88 15.88 -26.71 21.93
CA GLY A 88 15.02 -26.03 20.99
C GLY A 88 15.38 -24.55 20.92
N TYR A 89 14.99 -23.91 19.81
CA TYR A 89 15.32 -22.52 19.53
C TYR A 89 14.07 -21.75 19.15
N ILE A 90 13.96 -20.52 19.67
CA ILE A 90 12.96 -19.54 19.23
C ILE A 90 13.70 -18.33 18.67
N TYR A 91 13.53 -18.10 17.35
CA TYR A 91 14.15 -17.01 16.64
C TYR A 91 13.20 -15.83 16.61
N GLU A 92 13.76 -14.63 16.86
CA GLU A 92 13.04 -13.38 16.73
C GLU A 92 13.45 -12.71 15.42
N VAL A 93 12.48 -12.41 14.57
CA VAL A 93 12.69 -12.07 13.16
C VAL A 93 11.96 -10.78 12.81
N ARG A 94 12.64 -9.92 12.03
CA ARG A 94 11.98 -8.77 11.44
C ARG A 94 11.23 -9.18 10.16
N ALA A 95 9.95 -8.90 10.10
CA ALA A 95 9.14 -9.16 8.93
C ALA A 95 9.25 -8.01 7.93
N ASP A 96 9.13 -8.36 6.65
CA ASP A 96 9.13 -7.40 5.56
C ASP A 96 8.06 -7.83 4.55
N ASN A 97 8.05 -7.19 3.37
CA ASN A 97 7.01 -7.43 2.38
C ASN A 97 7.03 -8.84 1.79
N ASN A 98 8.02 -9.66 2.10
CA ASN A 98 7.99 -11.06 1.69
CA ASN A 98 8.06 -11.06 1.72
C ASN A 98 7.35 -11.96 2.73
N PHE A 99 6.78 -11.39 3.78
CA PHE A 99 6.04 -12.10 4.82
C PHE A 99 4.56 -11.76 4.67
N TYR A 100 3.69 -12.78 4.67
CA TYR A 100 2.27 -12.62 4.36
C TYR A 100 1.41 -13.21 5.47
N GLY A 101 0.38 -12.49 5.86
CA GLY A 101 -0.56 -13.02 6.83
C GLY A 101 -1.20 -14.32 6.41
N ALA A 102 -1.14 -15.33 7.27
CA ALA A 102 -1.75 -16.61 6.94
C ALA A 102 -3.26 -16.51 6.77
N ALA A 103 -3.92 -15.75 7.66
CA ALA A 103 -5.37 -15.69 7.63
C ALA A 103 -5.84 -15.08 6.32
N SER A 104 -5.30 -13.93 5.95
CA SER A 104 -5.75 -13.29 4.72
C SER A 104 -5.37 -14.12 3.50
N SER A 105 -4.21 -14.76 3.52
CA SER A 105 -3.79 -15.61 2.40
C SER A 105 -4.68 -16.83 2.28
N TYR A 106 -5.03 -17.44 3.41
CA TYR A 106 -5.95 -18.58 3.41
C TYR A 106 -7.27 -18.21 2.76
N PHE A 107 -7.87 -17.10 3.21
CA PHE A 107 -9.17 -16.69 2.71
C PHE A 107 -9.11 -16.38 1.22
N GLU A 108 -8.07 -15.66 0.77
CA GLU A 108 -7.92 -15.41 -0.66
C GLU A 108 -7.89 -16.71 -1.46
N TYR A 109 -7.16 -17.70 -0.96
CA TYR A 109 -7.07 -18.98 -1.67
C TYR A 109 -8.42 -19.70 -1.71
N VAL A 110 -9.04 -19.91 -0.54
CA VAL A 110 -10.25 -20.74 -0.51
C VAL A 110 -11.41 -20.01 -1.16
N ASP A 111 -11.48 -18.67 -1.06
CA ASP A 111 -12.56 -17.96 -1.75
C ASP A 111 -12.45 -18.12 -3.26
N THR A 112 -11.23 -18.25 -3.78
CA THR A 112 -11.00 -18.31 -5.22
C THR A 112 -11.03 -19.73 -5.77
N TYR A 113 -10.48 -20.69 -5.02
CA TYR A 113 -10.21 -22.04 -5.51
C TYR A 113 -10.77 -23.14 -4.62
N GLY A 114 -11.31 -22.81 -3.45
CA GLY A 114 -11.71 -23.83 -2.50
C GLY A 114 -13.11 -24.34 -2.77
N ASP A 115 -13.51 -25.31 -1.96
CA ASP A 115 -14.94 -25.53 -1.77
C ASP A 115 -15.34 -24.73 -0.53
N ASN A 116 -16.48 -25.05 0.09
CA ASN A 116 -16.93 -24.26 1.24
C ASN A 116 -16.30 -24.69 2.56
N ALA A 117 -15.61 -25.84 2.63
CA ALA A 117 -15.14 -26.37 3.90
C ALA A 117 -14.23 -25.37 4.62
N GLY A 118 -14.69 -24.86 5.75
CA GLY A 118 -13.90 -23.88 6.46
C GLY A 118 -13.69 -22.54 5.77
N ARG A 119 -14.44 -22.25 4.69
CA ARG A 119 -14.43 -20.92 4.04
C ARG A 119 -15.22 -19.91 4.84
N ILE A 120 -16.45 -20.29 5.19
CA ILE A 120 -17.46 -19.36 5.67
C ILE A 120 -17.48 -19.31 7.18
N LEU A 121 -17.55 -20.48 7.80
CA LEU A 121 -17.54 -20.57 9.24
C LEU A 121 -16.07 -20.66 9.63
N ALA A 122 -15.48 -19.48 9.81
CA ALA A 122 -14.04 -19.34 9.99
C ALA A 122 -13.77 -18.01 10.72
N GLY A 123 -13.85 -18.01 12.06
CA GLY A 123 -13.65 -16.81 12.85
C GLY A 123 -12.20 -16.41 12.99
N ALA A 124 -12.00 -15.27 13.64
CA ALA A 124 -10.66 -14.70 13.69
C ALA A 124 -9.72 -15.53 14.56
N LEU A 125 -10.17 -15.91 15.76
CA LEU A 125 -9.30 -16.72 16.63
C LEU A 125 -9.04 -18.09 16.02
N ALA A 126 -10.02 -18.62 15.30
CA ALA A 126 -9.88 -19.97 14.73
C ALA A 126 -8.94 -20.00 13.53
N THR A 127 -8.86 -18.94 12.74
CA THR A 127 -8.31 -19.04 11.39
C THR A 127 -6.88 -18.52 11.35
N TYR A 128 -5.95 -19.39 11.74
CA TYR A 128 -4.50 -19.10 11.62
C TYR A 128 -4.20 -17.69 12.16
N GLN A 129 -4.66 -17.43 13.39
CA GLN A 129 -4.80 -16.07 13.89
C GLN A 129 -3.52 -15.26 13.78
N SER A 130 -2.39 -15.85 14.17
CA SER A 130 -1.15 -15.12 14.35
C SER A 130 -0.06 -15.57 13.40
N GLU A 131 -0.35 -16.46 12.45
CA GLU A 131 0.69 -17.05 11.62
C GLU A 131 0.98 -16.14 10.42
N TYR A 132 2.26 -15.99 10.11
CA TYR A 132 2.76 -15.24 8.96
C TYR A 132 3.71 -16.13 8.18
N LEU A 133 3.57 -16.14 6.86
CA LEU A 133 4.35 -17.01 6.00
C LEU A 133 5.39 -16.18 5.27
N ALA A 134 6.65 -16.52 5.48
CA ALA A 134 7.72 -15.94 4.67
C ALA A 134 7.83 -16.75 3.39
N HIS A 135 7.86 -16.06 2.26
CA HIS A 135 7.91 -16.75 0.98
C HIS A 135 9.35 -17.07 0.60
N ARG A 136 9.65 -18.35 0.48
CA ARG A 136 10.92 -18.89 -0.03
C ARG A 136 12.11 -18.78 0.91
N ARG A 137 12.30 -17.63 1.55
CA ARG A 137 13.46 -17.36 2.38
C ARG A 137 13.10 -16.44 3.54
N ILE A 138 13.78 -16.62 4.66
CA ILE A 138 13.95 -15.56 5.65
C ILE A 138 15.46 -15.25 5.65
N PRO A 139 15.89 -14.16 5.02
CA PRO A 139 17.32 -13.89 4.93
C PRO A 139 17.93 -13.72 6.31
N PRO A 140 19.23 -14.02 6.45
CA PRO A 140 19.88 -13.87 7.75
C PRO A 140 19.83 -12.45 8.27
N GLU A 141 19.82 -11.45 7.38
CA GLU A 141 19.76 -10.04 7.82
C GLU A 141 18.47 -9.71 8.55
N ASN A 142 17.42 -10.52 8.39
CA ASN A 142 16.16 -10.31 9.09
C ASN A 142 16.14 -10.96 10.46
N ILE A 143 17.11 -11.80 10.80
CA ILE A 143 17.04 -12.63 12.00
C ILE A 143 17.83 -11.90 13.09
N ARG A 144 17.11 -11.48 14.12
CA ARG A 144 17.65 -10.56 15.11
C ARG A 144 18.34 -11.28 16.27
N ARG A 145 17.69 -12.31 16.82
CA ARG A 145 18.21 -12.97 18.01
C ARG A 145 17.55 -14.33 18.14
N VAL A 146 18.07 -15.14 19.05
CA VAL A 146 17.53 -16.47 19.33
C VAL A 146 17.56 -16.74 20.82
N THR A 147 16.55 -17.46 21.28
CA THR A 147 16.51 -18.06 22.61
C THR A 147 16.72 -19.56 22.47
N ARG A 148 17.67 -20.10 23.22
CA ARG A 148 17.92 -21.54 23.27
C ARG A 148 17.41 -22.08 24.59
N VAL A 149 16.63 -23.16 24.52
CA VAL A 149 16.14 -23.86 25.70
C VAL A 149 16.70 -25.27 25.67
N TYR A 150 17.46 -25.63 26.71
CA TYR A 150 18.07 -26.94 26.85
C TYR A 150 17.46 -27.63 28.05
N HIS A 151 16.96 -28.84 27.84
CA HIS A 151 16.42 -29.67 28.90
C HIS A 151 17.35 -30.86 29.11
N ASN A 152 17.83 -31.02 30.33
CA ASN A 152 18.63 -32.18 30.73
C ASN A 152 17.67 -33.32 31.03
N GLY A 153 17.70 -34.35 30.19
CA GLY A 153 16.74 -35.44 30.32
C GLY A 153 16.89 -36.27 31.57
N ILE A 154 18.05 -36.20 32.22
CA ILE A 154 18.34 -37.05 33.36
C ILE A 154 17.98 -36.37 34.68
N THR A 155 18.35 -35.09 34.87
CA THR A 155 18.08 -34.38 36.12
C THR A 155 16.84 -33.50 36.06
N GLY A 156 16.28 -33.30 34.88
CA GLY A 156 15.15 -32.41 34.69
C GLY A 156 15.46 -30.92 34.62
N GLU A 157 16.73 -30.53 34.76
CA GLU A 157 17.09 -29.12 34.72
CA GLU A 157 17.08 -29.11 34.72
C GLU A 157 16.86 -28.55 33.32
N THR A 158 16.24 -27.36 33.26
CA THR A 158 16.04 -26.65 31.99
C THR A 158 16.78 -25.32 32.07
N THR A 159 17.58 -25.01 31.05
CA THR A 159 18.38 -23.79 31.02
CA THR A 159 18.41 -23.80 31.01
C THR A 159 18.11 -23.01 29.74
N THR A 160 17.90 -21.72 29.88
CA THR A 160 17.56 -20.85 28.75
C THR A 160 18.66 -19.80 28.57
N THR A 161 19.11 -19.62 27.33
CA THR A 161 20.13 -18.63 26.99
C THR A 161 19.70 -17.85 25.75
N GLU A 162 20.37 -16.73 25.49
CA GLU A 162 20.00 -15.81 24.43
C GLU A 162 21.25 -15.40 23.63
N TYR A 163 21.07 -15.21 22.31
CA TYR A 163 22.19 -14.83 21.46
C TYR A 163 21.70 -13.87 20.38
N SER A 164 22.49 -12.82 20.13
CA SER A 164 22.15 -11.83 19.12
CA SER A 164 22.16 -11.83 19.12
C SER A 164 22.92 -12.11 17.83
N ASN A 165 22.28 -11.83 16.71
CA ASN A 165 22.88 -12.07 15.40
C ASN A 165 23.65 -10.82 14.94
N ALA A 166 24.99 -10.93 14.87
CA ALA A 166 25.80 -9.83 14.38
C ALA A 166 25.44 -9.41 12.96
N ARG A 167 24.80 -10.28 12.17
CA ARG A 167 24.47 -9.97 10.78
C ARG A 167 23.11 -9.29 10.64
N TYR A 168 22.36 -9.17 11.72
CA TYR A 168 21.05 -8.54 11.65
C TYR A 168 21.18 -7.10 11.17
N VAL A 169 20.29 -6.72 10.27
CA VAL A 169 20.19 -5.35 9.78
C VAL A 169 18.91 -4.76 10.34
N SER A 170 19.01 -3.66 11.06
CA SER A 170 17.85 -2.94 11.56
C SER A 170 17.38 -1.97 10.49
N GLN A 171 16.19 -2.24 9.94
CA GLN A 171 15.55 -1.38 8.95
C GLN A 171 14.07 -1.31 9.28
N GLN A 172 13.40 -0.26 8.81
CA GLN A 172 11.97 -0.08 9.05
C GLN A 172 11.20 -0.85 7.98
N THR A 173 10.77 -2.06 8.35
CA THR A 173 9.93 -2.89 7.50
C THR A 173 8.85 -3.54 8.37
N ARG A 174 7.78 -3.98 7.72
CA ARG A 174 6.72 -4.75 8.36
C ARG A 174 6.23 -5.79 7.35
N ALA A 175 5.47 -6.76 7.84
CA ALA A 175 4.87 -7.73 6.95
C ALA A 175 4.02 -7.05 5.87
N ASN A 176 3.87 -7.76 4.76
CA ASN A 176 3.02 -7.29 3.69
C ASN A 176 1.59 -7.10 4.19
N PRO A 177 0.90 -6.01 3.85
CA PRO A 177 -0.51 -5.87 4.21
C PRO A 177 -1.45 -6.73 3.38
N ASN A 178 -1.00 -7.33 2.28
CA ASN A 178 -1.90 -7.99 1.34
C ASN A 178 -1.78 -9.51 1.44
N PRO A 179 -2.81 -10.24 1.04
CA PRO A 179 -2.68 -11.70 0.98
C PRO A 179 -1.60 -12.10 -0.01
N TYR A 180 -0.95 -13.24 0.26
CA TYR A 180 -0.13 -13.89 -0.74
C TYR A 180 -1.02 -14.44 -1.83
N THR A 181 -0.56 -14.30 -3.08
CA THR A 181 -1.13 -14.99 -4.22
C THR A 181 0.00 -15.56 -5.05
N SER A 182 -0.15 -16.79 -5.52
CA SER A 182 0.85 -17.38 -6.40
C SER A 182 0.78 -16.75 -7.77
N ARG A 183 1.92 -16.34 -8.29
CA ARG A 183 2.09 -15.97 -9.70
C ARG A 183 1.62 -14.55 -9.93
N GLY B 3 0.09 23.70 15.84
CA GLY B 3 0.63 23.28 14.51
C GLY B 3 -0.33 22.42 13.71
N ASP B 4 -1.63 22.54 14.02
CA ASP B 4 -2.64 21.75 13.34
C ASP B 4 -2.76 22.20 11.88
N PRO B 5 -3.06 21.28 10.97
CA PRO B 5 -3.41 21.69 9.60
C PRO B 5 -4.69 22.50 9.60
N PRO B 6 -4.91 23.33 8.59
CA PRO B 6 -6.09 24.20 8.59
C PRO B 6 -7.38 23.41 8.48
N ALA B 7 -8.39 23.92 9.16
CA ALA B 7 -9.75 23.41 9.01
C ALA B 7 -10.52 24.11 7.92
N THR B 8 -10.09 25.29 7.49
CA THR B 8 -10.80 26.11 6.51
C THR B 8 -9.85 26.49 5.38
N VAL B 9 -10.33 26.30 4.15
CA VAL B 9 -9.65 26.72 2.95
C VAL B 9 -10.65 27.42 2.03
N TYR B 10 -10.14 28.04 0.99
CA TYR B 10 -10.91 28.88 0.08
C TYR B 10 -10.61 28.50 -1.35
N ARG B 11 -11.59 28.69 -2.23
CA ARG B 11 -11.37 28.39 -3.66
C ARG B 11 -12.09 29.41 -4.52
N TYR B 12 -11.33 30.04 -5.41
CA TYR B 12 -11.93 30.85 -6.46
C TYR B 12 -12.38 29.92 -7.59
N ASP B 13 -13.59 30.16 -8.11
CA ASP B 13 -14.12 29.40 -9.23
C ASP B 13 -15.13 30.28 -9.95
N SER B 14 -15.31 30.03 -11.24
CA SER B 14 -16.28 30.77 -12.02
C SER B 14 -17.71 30.24 -11.89
N ARG B 15 -17.86 29.05 -11.29
CA ARG B 15 -19.16 28.38 -11.32
C ARG B 15 -19.99 28.77 -10.10
N PRO B 16 -21.31 28.89 -10.29
CA PRO B 16 -22.19 29.45 -9.24
C PRO B 16 -22.63 28.40 -8.23
N PRO B 17 -23.19 28.84 -7.11
CA PRO B 17 -23.53 27.91 -6.04
C PRO B 17 -24.66 26.96 -6.37
N GLU B 18 -25.55 27.27 -7.32
CA GLU B 18 -26.55 26.26 -7.66
C GLU B 18 -25.89 24.97 -8.16
N ASP B 19 -24.73 25.09 -8.77
CA ASP B 19 -23.94 23.91 -9.11
C ASP B 19 -23.14 23.46 -7.89
N VAL B 20 -22.26 24.32 -7.41
CA VAL B 20 -21.25 23.89 -6.45
C VAL B 20 -21.87 23.45 -5.12
N PHE B 21 -22.87 24.19 -4.61
CA PHE B 21 -23.41 23.84 -3.29
C PHE B 21 -24.11 22.48 -3.30
N GLN B 22 -24.63 22.04 -4.45
CA GLN B 22 -25.31 20.77 -4.54
C GLN B 22 -24.38 19.64 -4.94
N ASN B 23 -23.45 19.92 -5.85
CA ASN B 23 -22.63 18.91 -6.50
C ASN B 23 -21.20 18.89 -5.99
N GLY B 24 -20.79 19.89 -5.22
CA GLY B 24 -19.41 20.04 -4.82
C GLY B 24 -18.51 20.37 -6.00
N PHE B 25 -17.21 20.17 -5.79
CA PHE B 25 -16.21 20.29 -6.84
C PHE B 25 -15.72 18.89 -7.20
N THR B 26 -15.60 18.62 -8.49
CA THR B 26 -15.06 17.37 -9.00
CA THR B 26 -15.03 17.38 -8.98
C THR B 26 -13.77 17.68 -9.78
N ALA B 27 -12.72 16.91 -9.53
CA ALA B 27 -11.49 17.11 -10.28
C ALA B 27 -11.72 16.82 -11.77
N TRP B 28 -10.86 17.38 -12.61
CA TRP B 28 -10.97 17.16 -14.05
C TRP B 28 -10.84 15.68 -14.40
N GLY B 29 -10.02 14.93 -13.68
CA GLY B 29 -9.70 13.58 -14.14
C GLY B 29 -8.90 12.80 -13.12
N ASN B 30 -8.06 11.90 -13.62
CA ASN B 30 -7.42 10.88 -12.82
C ASN B 30 -5.91 11.08 -12.68
N ASN B 31 -5.39 12.16 -13.25
CA ASN B 31 -3.96 12.43 -13.26
C ASN B 31 -3.54 12.98 -11.91
N ASP B 32 -3.06 12.12 -11.01
CA ASP B 32 -2.69 12.53 -9.66
C ASP B 32 -1.22 12.89 -9.53
N ASN B 33 -0.58 13.28 -10.63
CA ASN B 33 0.80 13.73 -10.56
C ASN B 33 0.85 15.12 -9.94
N VAL B 34 1.43 15.20 -8.72
CA VAL B 34 1.45 16.44 -7.94
C VAL B 34 2.19 17.54 -8.69
N LEU B 35 3.32 17.20 -9.29
CA LEU B 35 4.11 18.21 -9.96
C LEU B 35 3.35 18.82 -11.13
N GLU B 36 2.70 17.97 -11.95
CA GLU B 36 1.96 18.49 -13.09
C GLU B 36 0.87 19.44 -12.65
N HIS B 37 0.20 19.13 -11.53
CA HIS B 37 -0.82 20.04 -11.04
C HIS B 37 -0.22 21.36 -10.55
N LEU B 38 0.77 21.29 -9.66
CA LEU B 38 1.23 22.52 -9.02
C LEU B 38 1.91 23.46 -9.99
N THR B 39 2.52 22.93 -11.05
CA THR B 39 3.21 23.76 -12.02
C THR B 39 2.31 24.16 -13.19
N GLY B 40 1.01 23.91 -13.11
CA GLY B 40 0.07 24.44 -14.08
C GLY B 40 -0.05 23.68 -15.38
N ARG B 41 0.20 22.39 -15.36
CA ARG B 41 0.18 21.59 -16.57
C ARG B 41 -1.10 20.77 -16.75
N SER B 42 -1.81 20.41 -15.67
CA SER B 42 -2.90 19.44 -15.77
C SER B 42 -4.28 20.02 -15.51
N SER B 43 -4.41 21.35 -15.38
CA SER B 43 -5.70 21.97 -15.13
C SER B 43 -6.30 22.47 -16.45
N GLN B 44 -7.23 23.41 -16.37
CA GLN B 44 -8.12 23.71 -17.49
C GLN B 44 -7.34 24.09 -18.75
N VAL B 45 -6.35 24.98 -18.61
CA VAL B 45 -5.61 25.47 -19.77
C VAL B 45 -4.53 24.51 -20.22
N GLY B 46 -4.31 23.40 -19.51
CA GLY B 46 -3.37 22.37 -19.93
C GLY B 46 -4.04 21.08 -20.35
N SER B 47 -3.68 19.96 -19.71
CA SER B 47 -4.23 18.66 -20.09
C SER B 47 -5.62 18.42 -19.52
N SER B 48 -6.10 19.31 -18.66
CA SER B 48 -7.47 19.27 -18.13
CA SER B 48 -7.47 19.27 -18.14
C SER B 48 -7.85 17.87 -17.66
N ASN B 49 -6.95 17.23 -16.88
CA ASN B 49 -7.21 15.89 -16.36
C ASN B 49 -6.71 15.70 -14.92
N SER B 50 -6.36 16.77 -14.22
CA SER B 50 -5.85 16.64 -12.86
C SER B 50 -6.84 15.95 -11.96
N ALA B 51 -6.31 15.14 -11.05
CA ALA B 51 -7.07 14.52 -9.97
C ALA B 51 -7.20 15.43 -8.74
N PHE B 52 -6.73 16.67 -8.80
CA PHE B 52 -6.76 17.55 -7.65
C PHE B 52 -7.60 18.79 -7.93
N VAL B 53 -8.16 19.32 -6.85
CA VAL B 53 -8.86 20.60 -6.86
C VAL B 53 -8.10 21.53 -5.90
N SER B 54 -7.51 22.60 -6.45
CA SER B 54 -6.76 23.53 -5.61
C SER B 54 -7.69 24.36 -4.71
N THR B 55 -7.17 24.64 -3.52
CA THR B 55 -7.72 25.56 -2.55
C THR B 55 -6.56 26.27 -1.88
N SER B 56 -6.85 27.32 -1.11
CA SER B 56 -5.83 28.03 -0.35
C SER B 56 -6.26 28.20 1.10
N SER B 57 -5.35 28.02 2.02
CA SER B 57 -5.65 28.42 3.39
C SER B 57 -5.72 29.94 3.55
N SER B 58 -5.20 30.68 2.56
CA SER B 58 -5.21 32.14 2.57
C SER B 58 -6.37 32.66 1.74
N ARG B 59 -7.37 33.24 2.39
CA ARG B 59 -8.44 33.86 1.63
C ARG B 59 -7.88 34.91 0.68
N ARG B 60 -6.88 35.67 1.13
CA ARG B 60 -6.32 36.70 0.29
C ARG B 60 -5.85 36.16 -1.06
N TYR B 61 -5.23 34.97 -1.06
CA TYR B 61 -4.75 34.38 -2.32
C TYR B 61 -5.89 34.26 -3.32
N THR B 62 -7.06 33.80 -2.86
CA THR B 62 -8.20 33.64 -3.77
C THR B 62 -8.77 34.99 -4.19
N GLU B 63 -8.72 36.00 -3.31
CA GLU B 63 -9.15 37.34 -3.68
C GLU B 63 -8.24 37.94 -4.75
N VAL B 64 -6.92 37.74 -4.62
CA VAL B 64 -5.99 38.22 -5.65
C VAL B 64 -6.28 37.55 -6.98
N TYR B 65 -6.56 36.24 -6.95
CA TYR B 65 -6.92 35.50 -8.15
C TYR B 65 -8.18 36.10 -8.78
N LEU B 66 -9.23 36.29 -7.98
CA LEU B 66 -10.46 36.88 -8.51
C LEU B 66 -10.20 38.26 -9.09
N GLU B 67 -9.42 39.08 -8.38
CA GLU B 67 -9.12 40.43 -8.87
C GLU B 67 -8.36 40.39 -10.18
N HIS B 68 -7.44 39.43 -10.33
CA HIS B 68 -6.72 39.31 -11.59
C HIS B 68 -7.66 38.98 -12.73
N ARG B 69 -8.57 38.02 -12.52
CA ARG B 69 -9.51 37.66 -13.57
C ARG B 69 -10.46 38.81 -13.88
N MET B 70 -10.87 39.56 -12.86
CA MET B 70 -11.72 40.72 -13.10
C MET B 70 -11.00 41.74 -13.97
N GLN B 71 -9.72 41.99 -13.67
CA GLN B 71 -8.96 42.96 -14.43
C GLN B 71 -8.74 42.51 -15.86
N GLU B 72 -8.58 41.20 -16.09
CA GLU B 72 -8.48 40.72 -17.46
C GLU B 72 -9.72 41.10 -18.26
N ALA B 73 -10.90 41.01 -17.63
CA ALA B 73 -12.13 41.41 -18.32
C ALA B 73 -12.14 42.90 -18.62
N VAL B 74 -11.65 43.71 -17.68
CA VAL B 74 -11.56 45.15 -17.90
C VAL B 74 -10.59 45.47 -19.02
N GLU B 75 -9.42 44.82 -19.02
CA GLU B 75 -8.45 45.09 -20.07
C GLU B 75 -8.99 44.68 -21.44
N ALA B 76 -9.71 43.56 -21.49
CA ALA B 76 -10.37 43.16 -22.72
C ALA B 76 -11.32 44.25 -23.20
N GLU B 77 -12.15 44.78 -22.30
CA GLU B 77 -13.09 45.83 -22.65
C GLU B 77 -12.37 47.05 -23.21
N ARG B 78 -11.29 47.46 -22.56
CA ARG B 78 -10.51 48.61 -23.02
C ARG B 78 -9.96 48.39 -24.42
N ALA B 79 -9.60 47.15 -24.75
CA ALA B 79 -9.10 46.81 -26.06
C ALA B 79 -10.20 46.62 -27.09
N GLY B 80 -11.46 46.68 -26.67
CA GLY B 80 -12.59 46.65 -27.59
C GLY B 80 -13.39 45.36 -27.61
N ARG B 81 -13.09 44.40 -26.73
CA ARG B 81 -13.80 43.12 -26.73
C ARG B 81 -14.46 42.93 -25.37
N GLY B 82 -15.78 42.70 -25.41
CA GLY B 82 -16.55 42.45 -24.21
C GLY B 82 -17.05 43.72 -23.54
N THR B 83 -18.01 43.54 -22.64
CA THR B 83 -18.58 44.62 -21.85
C THR B 83 -17.71 44.99 -20.67
N GLY B 84 -16.74 44.14 -20.32
CA GLY B 84 -16.01 44.29 -19.09
C GLY B 84 -16.69 43.68 -17.90
N HIS B 85 -17.90 43.14 -18.06
CA HIS B 85 -18.59 42.49 -16.96
C HIS B 85 -17.83 41.26 -16.51
N PHE B 86 -17.93 40.97 -15.22
CA PHE B 86 -17.25 39.83 -14.62
C PHE B 86 -18.04 39.38 -13.40
N ILE B 87 -18.21 38.07 -13.27
CA ILE B 87 -18.79 37.45 -12.08
C ILE B 87 -17.83 36.37 -11.60
N GLY B 88 -17.38 36.48 -10.36
CA GLY B 88 -16.51 35.48 -9.78
C GLY B 88 -17.00 35.06 -8.39
N TYR B 89 -16.55 33.88 -7.95
CA TYR B 89 -17.00 33.32 -6.68
C TYR B 89 -15.80 32.87 -5.86
N ILE B 90 -15.86 33.13 -4.56
CA ILE B 90 -14.90 32.58 -3.61
C ILE B 90 -15.66 31.70 -2.62
N TYR B 91 -15.38 30.40 -2.65
CA TYR B 91 -16.02 29.43 -1.79
C TYR B 91 -15.19 29.21 -0.54
N GLU B 92 -15.86 29.13 0.62
CA GLU B 92 -15.24 28.81 1.88
C GLU B 92 -15.57 27.36 2.22
N VAL B 93 -14.53 26.57 2.48
CA VAL B 93 -14.59 25.11 2.45
C VAL B 93 -13.95 24.55 3.71
N ARG B 94 -14.59 23.52 4.28
CA ARG B 94 -14.00 22.77 5.37
C ARG B 94 -13.09 21.69 4.80
N ALA B 95 -11.84 21.68 5.23
CA ALA B 95 -10.87 20.69 4.79
C ALA B 95 -10.95 19.45 5.66
N ASP B 96 -10.61 18.31 5.06
CA ASP B 96 -10.59 17.02 5.75
C ASP B 96 -9.39 16.22 5.26
N ASN B 97 -9.33 14.94 5.59
CA ASN B 97 -8.16 14.12 5.28
C ASN B 97 -7.94 13.89 3.79
N ASN B 98 -8.88 14.27 2.93
CA ASN B 98 -8.66 14.21 1.49
C ASN B 98 -8.03 15.49 0.94
N PHE B 99 -7.68 16.43 1.81
CA PHE B 99 -7.00 17.67 1.41
C PHE B 99 -5.55 17.60 1.88
N TYR B 100 -4.63 17.88 0.99
CA TYR B 100 -3.22 17.69 1.25
C TYR B 100 -2.46 18.99 1.02
N GLY B 101 -1.56 19.34 1.94
CA GLY B 101 -0.77 20.55 1.74
C GLY B 101 0.05 20.47 0.47
N ALA B 102 -0.01 21.51 -0.35
CA ALA B 102 0.79 21.56 -1.57
C ALA B 102 2.29 21.61 -1.27
N ALA B 103 2.70 22.39 -0.28
CA ALA B 103 4.12 22.50 0.01
C ALA B 103 4.68 21.14 0.43
N SER B 104 4.04 20.49 1.40
CA SER B 104 4.48 19.17 1.85
C SER B 104 4.47 18.17 0.70
N SER B 105 3.42 18.22 -0.12
CA SER B 105 3.30 17.28 -1.23
C SER B 105 4.36 17.54 -2.29
N TYR B 106 4.62 18.80 -2.60
CA TYR B 106 5.69 19.16 -3.53
C TYR B 106 7.04 18.65 -3.04
N PHE B 107 7.36 18.91 -1.77
CA PHE B 107 8.61 18.43 -1.17
C PHE B 107 8.75 16.92 -1.32
N GLU B 108 7.70 16.17 -0.97
CA GLU B 108 7.73 14.73 -1.14
CA GLU B 108 7.72 14.72 -1.13
C GLU B 108 8.05 14.35 -2.57
N TYR B 109 7.38 15.01 -3.52
CA TYR B 109 7.57 14.69 -4.93
C TYR B 109 9.00 14.98 -5.37
N VAL B 110 9.51 16.19 -5.12
CA VAL B 110 10.83 16.55 -5.63
C VAL B 110 11.91 15.74 -4.92
N ASP B 111 11.72 15.48 -3.62
CA ASP B 111 12.70 14.71 -2.87
C ASP B 111 12.80 13.29 -3.42
N THR B 112 11.69 12.72 -3.88
CA THR B 112 11.65 11.32 -4.28
C THR B 112 11.95 11.13 -5.76
N TYR B 113 11.45 12.02 -6.61
CA TYR B 113 11.51 11.90 -8.06
C TYR B 113 12.19 13.05 -8.77
N GLY B 114 12.46 14.17 -8.09
CA GLY B 114 13.07 15.34 -8.70
C GLY B 114 14.56 15.38 -8.49
N ASP B 115 15.14 16.59 -8.46
CA ASP B 115 16.60 16.74 -8.47
C ASP B 115 17.10 17.60 -7.32
N ASN B 116 18.43 17.52 -7.14
CA ASN B 116 19.09 18.09 -5.98
C ASN B 116 18.81 19.59 -5.85
N ALA B 117 19.11 20.36 -6.90
CA ALA B 117 18.90 21.80 -6.78
C ALA B 117 17.44 22.12 -6.47
N GLY B 118 16.52 21.41 -7.13
CA GLY B 118 15.11 21.64 -6.86
C GLY B 118 14.74 21.36 -5.41
N ARG B 119 15.27 20.27 -4.85
CA ARG B 119 15.01 19.94 -3.45
C ARG B 119 15.54 21.02 -2.52
N ILE B 120 16.75 21.53 -2.79
CA ILE B 120 17.36 22.50 -1.90
C ILE B 120 16.67 23.86 -2.02
N LEU B 121 16.44 24.29 -3.26
CA LEU B 121 15.85 25.58 -3.56
C LEU B 121 14.39 25.67 -3.10
N ALA B 122 13.78 24.54 -2.76
CA ALA B 122 12.36 24.49 -2.49
C ALA B 122 11.98 24.98 -1.10
N GLY B 123 12.91 24.93 -0.14
CA GLY B 123 12.60 25.10 1.29
C GLY B 123 12.08 26.46 1.69
N ALA B 124 12.17 27.46 0.80
CA ALA B 124 11.65 28.78 1.11
C ALA B 124 10.19 28.71 1.56
N LEU B 125 9.84 29.51 2.57
CA LEU B 125 8.47 29.55 3.06
C LEU B 125 7.48 29.80 1.93
N ALA B 126 7.86 30.63 0.95
CA ALA B 126 6.91 31.00 -0.11
C ALA B 126 6.49 29.81 -0.98
N THR B 127 7.21 28.69 -0.95
CA THR B 127 6.99 27.61 -1.92
C THR B 127 5.61 26.99 -1.73
N TYR B 128 4.73 27.19 -2.72
CA TYR B 128 3.34 26.72 -2.65
C TYR B 128 2.76 26.94 -1.27
N GLN B 129 3.01 28.14 -0.73
CA GLN B 129 2.94 28.37 0.71
C GLN B 129 1.59 27.98 1.28
N SER B 130 0.50 28.39 0.62
CA SER B 130 -0.82 28.31 1.22
C SER B 130 -1.75 27.37 0.49
N GLU B 131 -1.28 26.69 -0.55
CA GLU B 131 -2.15 25.89 -1.38
C GLU B 131 -2.39 24.51 -0.77
N TYR B 132 -3.62 24.03 -0.87
CA TYR B 132 -4.04 22.71 -0.39
C TYR B 132 -4.77 22.04 -1.54
N LEU B 133 -4.44 20.78 -1.81
CA LEU B 133 -5.02 20.02 -2.91
C LEU B 133 -6.05 19.05 -2.38
N ALA B 134 -7.30 19.24 -2.79
CA ALA B 134 -8.34 18.24 -2.52
C ALA B 134 -8.26 17.13 -3.55
N HIS B 135 -8.17 15.91 -3.10
CA HIS B 135 -8.01 14.77 -4.00
C HIS B 135 -9.37 14.27 -4.48
N ARG B 136 -9.56 14.27 -5.81
CA ARG B 136 -10.74 13.74 -6.50
C ARG B 136 -11.98 14.63 -6.40
N ARG B 137 -12.34 15.08 -5.20
CA ARG B 137 -13.62 15.73 -4.93
C ARG B 137 -13.48 16.68 -3.75
N ILE B 138 -14.26 17.76 -3.79
CA ILE B 138 -14.67 18.49 -2.60
C ILE B 138 -16.18 18.26 -2.46
N PRO B 139 -16.61 17.42 -1.52
CA PRO B 139 -18.04 17.12 -1.44
C PRO B 139 -18.83 18.37 -1.10
N PRO B 140 -20.10 18.43 -1.55
CA PRO B 140 -20.94 19.58 -1.20
C PRO B 140 -21.08 19.79 0.29
N GLU B 141 -21.06 18.72 1.09
CA GLU B 141 -21.18 18.82 2.53
C GLU B 141 -20.01 19.59 3.16
N ASN B 142 -18.87 19.72 2.46
CA ASN B 142 -17.73 20.47 2.94
C ASN B 142 -17.81 21.95 2.59
N ILE B 143 -18.75 22.36 1.74
CA ILE B 143 -18.75 23.71 1.19
C ILE B 143 -19.71 24.55 2.03
N ARG B 144 -19.16 25.53 2.74
CA ARG B 144 -19.91 26.24 3.77
C ARG B 144 -20.64 27.47 3.24
N ARG B 145 -19.97 28.29 2.45
CA ARG B 145 -20.55 29.51 1.95
C ARG B 145 -19.78 30.01 0.74
N VAL B 146 -20.33 31.03 0.09
CA VAL B 146 -19.72 31.62 -1.09
C VAL B 146 -19.88 33.12 -1.03
N THR B 147 -18.88 33.82 -1.56
CA THR B 147 -18.94 35.24 -1.87
C THR B 147 -18.99 35.41 -3.37
N ARG B 148 -19.98 36.13 -3.87
CA ARG B 148 -20.09 36.46 -5.28
C ARG B 148 -19.69 37.90 -5.50
N VAL B 149 -18.79 38.13 -6.45
CA VAL B 149 -18.35 39.46 -6.82
C VAL B 149 -18.78 39.71 -8.26
N TYR B 150 -19.60 40.73 -8.47
CA TYR B 150 -20.04 41.14 -9.80
C TYR B 150 -19.47 42.51 -10.11
N HIS B 151 -18.71 42.60 -11.19
CA HIS B 151 -18.19 43.87 -11.66
C HIS B 151 -18.95 44.26 -12.91
N ASN B 152 -19.59 45.42 -12.86
CA ASN B 152 -20.23 46.04 -14.02
C ASN B 152 -19.15 46.82 -14.77
N GLY B 153 -18.79 46.33 -15.96
CA GLY B 153 -17.75 46.97 -16.74
C GLY B 153 -18.17 48.22 -17.46
N ILE B 154 -19.48 48.48 -17.51
CA ILE B 154 -19.99 49.69 -18.14
C ILE B 154 -19.91 50.85 -17.17
N THR B 155 -20.48 50.70 -15.98
CA THR B 155 -20.46 51.75 -14.97
C THR B 155 -19.28 51.64 -14.01
N GLY B 156 -18.58 50.51 -13.99
CA GLY B 156 -17.50 50.30 -13.07
C GLY B 156 -17.91 49.80 -11.71
N GLU B 157 -19.21 49.65 -11.45
CA GLU B 157 -19.69 49.28 -10.13
C GLU B 157 -19.38 47.82 -9.82
N THR B 158 -18.96 47.56 -8.59
CA THR B 158 -18.67 46.22 -8.11
C THR B 158 -19.58 45.92 -6.93
N THR B 159 -20.27 44.80 -6.99
CA THR B 159 -21.26 44.42 -5.99
C THR B 159 -20.91 43.05 -5.43
N THR B 160 -20.84 42.94 -4.10
CA THR B 160 -20.43 41.71 -3.44
C THR B 160 -21.58 41.21 -2.57
N THR B 161 -21.88 39.92 -2.69
CA THR B 161 -22.94 39.29 -1.91
C THR B 161 -22.44 37.95 -1.39
N GLU B 162 -23.16 37.40 -0.40
CA GLU B 162 -22.75 36.16 0.26
C GLU B 162 -23.95 35.22 0.39
N TYR B 163 -23.68 33.92 0.30
CA TYR B 163 -24.73 32.91 0.44
C TYR B 163 -24.18 31.72 1.22
N SER B 164 -25.02 31.15 2.08
CA SER B 164 -24.69 29.99 2.88
C SER B 164 -25.27 28.73 2.23
N ASN B 165 -24.55 27.61 2.37
CA ASN B 165 -24.96 26.35 1.76
C ASN B 165 -25.76 25.53 2.79
N ALA B 166 -27.06 25.34 2.51
CA ALA B 166 -27.91 24.53 3.37
C ALA B 166 -27.44 23.10 3.52
N ARG B 167 -26.64 22.60 2.57
CA ARG B 167 -26.17 21.23 2.65
C ARG B 167 -24.88 21.08 3.44
N TYR B 168 -24.26 22.18 3.87
CA TYR B 168 -23.03 22.10 4.64
C TYR B 168 -23.24 21.28 5.91
N VAL B 169 -22.28 20.39 6.19
CA VAL B 169 -22.26 19.63 7.44
C VAL B 169 -21.11 20.17 8.27
N SER B 170 -21.42 20.65 9.49
CA SER B 170 -20.40 21.08 10.42
C SER B 170 -19.91 19.87 11.20
N GLN B 171 -18.66 19.50 10.97
CA GLN B 171 -18.05 18.43 11.72
C GLN B 171 -16.58 18.75 11.89
N GLN B 172 -15.96 18.03 12.82
CA GLN B 172 -14.59 18.31 13.23
C GLN B 172 -13.64 17.57 12.29
N THR B 173 -13.11 18.29 11.30
CA THR B 173 -12.09 17.75 10.42
C THR B 173 -11.06 18.83 10.13
N ARG B 174 -9.87 18.40 9.71
CA ARG B 174 -8.80 19.28 9.25
C ARG B 174 -8.12 18.65 8.05
N ALA B 175 -7.33 19.44 7.36
CA ALA B 175 -6.56 18.89 6.26
C ALA B 175 -5.66 17.77 6.76
N ASN B 176 -5.29 16.88 5.85
CA ASN B 176 -4.36 15.82 6.18
C ASN B 176 -3.02 16.41 6.60
N PRO B 177 -2.41 15.92 7.68
CA PRO B 177 -1.08 16.43 8.05
C PRO B 177 0.05 15.91 7.19
N ASN B 178 -0.20 14.93 6.31
CA ASN B 178 0.87 14.26 5.57
C ASN B 178 0.91 14.73 4.12
N PRO B 179 2.04 14.53 3.43
CA PRO B 179 2.05 14.79 1.99
C PRO B 179 1.13 13.82 1.26
N TYR B 180 0.59 14.27 0.14
CA TYR B 180 -0.05 13.35 -0.77
C TYR B 180 0.98 12.33 -1.27
N THR B 181 0.59 11.05 -1.29
CA THR B 181 1.36 9.99 -1.90
C THR B 181 0.44 9.19 -2.81
N SER B 182 0.95 8.79 -3.97
CA SER B 182 0.09 8.21 -4.99
C SER B 182 -0.29 6.77 -4.65
N ARG B 183 -1.55 6.48 -4.91
CA ARG B 183 -2.22 5.22 -4.60
C ARG B 183 -1.36 4.01 -4.94
N GLY C 3 9.37 0.32 3.45
CA GLY C 3 9.81 -0.92 2.76
C GLY C 3 9.28 -1.05 1.33
N ASP C 4 8.85 0.06 0.74
CA ASP C 4 8.47 0.07 -0.67
C ASP C 4 9.70 -0.18 -1.53
N PRO C 5 9.51 -0.69 -2.76
CA PRO C 5 10.65 -0.80 -3.67
C PRO C 5 11.26 0.56 -3.90
N PRO C 6 12.55 0.62 -4.24
CA PRO C 6 13.22 1.92 -4.34
C PRO C 6 12.78 2.72 -5.55
N ALA C 7 12.75 4.03 -5.38
CA ALA C 7 12.57 4.96 -6.49
C ALA C 7 13.90 5.39 -7.10
N THR C 8 15.01 5.20 -6.40
CA THR C 8 16.32 5.60 -6.89
C THR C 8 17.27 4.44 -6.72
N VAL C 9 18.06 4.20 -7.76
CA VAL C 9 19.12 3.20 -7.76
C VAL C 9 20.36 3.78 -8.44
N TYR C 10 21.46 3.05 -8.35
CA TYR C 10 22.75 3.52 -8.80
C TYR C 10 23.43 2.47 -9.65
N ARG C 11 24.30 2.91 -10.55
CA ARG C 11 25.04 1.98 -11.39
C ARG C 11 26.44 2.50 -11.67
N TYR C 12 27.45 1.68 -11.38
CA TYR C 12 28.80 1.91 -11.87
C TYR C 12 28.92 1.46 -13.32
N ASP C 13 29.53 2.31 -14.15
CA ASP C 13 29.77 1.96 -15.54
C ASP C 13 30.98 2.76 -16.01
N SER C 14 31.72 2.22 -16.97
CA SER C 14 32.87 2.91 -17.53
C SER C 14 32.48 3.94 -18.58
N ARG C 15 31.26 3.92 -19.07
CA ARG C 15 30.92 4.75 -20.21
C ARG C 15 30.51 6.16 -19.76
N PRO C 16 30.89 7.17 -20.54
CA PRO C 16 30.73 8.57 -20.10
C PRO C 16 29.32 9.11 -20.29
N PRO C 17 28.99 10.21 -19.58
CA PRO C 17 27.61 10.68 -19.54
C PRO C 17 27.13 11.25 -20.85
N GLU C 18 28.04 11.65 -21.73
N GLU C 18 28.03 11.71 -21.71
CA GLU C 18 27.63 12.10 -23.06
CA GLU C 18 27.60 12.13 -23.04
C GLU C 18 27.04 10.95 -23.88
C GLU C 18 27.05 10.97 -23.88
N ASP C 19 27.44 9.72 -23.57
CA ASP C 19 26.77 8.53 -24.10
CA ASP C 19 26.76 8.54 -24.10
C ASP C 19 25.47 8.27 -23.32
N VAL C 20 25.60 8.09 -22.02
CA VAL C 20 24.54 7.52 -21.22
C VAL C 20 23.37 8.49 -21.06
N PHE C 21 23.65 9.78 -20.91
CA PHE C 21 22.55 10.73 -20.74
C PHE C 21 21.71 10.88 -22.01
N GLN C 22 22.30 10.58 -23.18
CA GLN C 22 21.61 10.72 -24.45
C GLN C 22 20.86 9.45 -24.82
N ASN C 23 21.43 8.29 -24.58
CA ASN C 23 20.83 7.05 -25.06
C ASN C 23 20.44 6.09 -23.94
N GLY C 24 20.75 6.41 -22.68
CA GLY C 24 20.40 5.53 -21.60
C GLY C 24 21.31 4.31 -21.56
N PHE C 25 20.81 3.23 -21.00
CA PHE C 25 21.50 1.95 -20.98
C PHE C 25 20.68 0.93 -21.75
N THR C 26 21.35 0.10 -22.56
CA THR C 26 20.73 -1.07 -23.19
C THR C 26 21.59 -2.27 -22.83
N ALA C 27 20.93 -3.39 -22.53
CA ALA C 27 21.62 -4.59 -22.11
C ALA C 27 22.35 -5.20 -23.30
N TRP C 28 23.29 -6.09 -23.00
CA TRP C 28 24.08 -6.71 -24.06
C TRP C 28 23.22 -7.46 -25.10
N GLY C 29 22.22 -8.18 -24.65
CA GLY C 29 21.52 -9.10 -25.55
C GLY C 29 20.20 -9.59 -24.98
N ASN C 30 19.83 -10.82 -25.34
CA ASN C 30 18.52 -11.38 -25.02
C ASN C 30 18.58 -12.52 -24.03
N ASN C 31 19.72 -12.74 -23.38
CA ASN C 31 19.85 -13.85 -22.47
C ASN C 31 19.31 -13.40 -21.11
N ASP C 32 18.05 -13.73 -20.83
CA ASP C 32 17.40 -13.31 -19.59
C ASP C 32 17.42 -14.39 -18.52
N ASN C 33 18.43 -15.26 -18.54
CA ASN C 33 18.63 -16.22 -17.47
C ASN C 33 19.16 -15.50 -16.23
N VAL C 34 18.35 -15.50 -15.16
CA VAL C 34 18.66 -14.72 -13.96
C VAL C 34 19.94 -15.20 -13.31
N LEU C 35 20.13 -16.51 -13.21
CA LEU C 35 21.30 -17.05 -12.55
C LEU C 35 22.59 -16.70 -13.31
N GLU C 36 22.59 -16.85 -14.63
CA GLU C 36 23.77 -16.47 -15.41
C GLU C 36 24.10 -15.00 -15.20
N HIS C 37 23.08 -14.14 -15.13
CA HIS C 37 23.35 -12.73 -14.95
C HIS C 37 23.97 -12.47 -13.58
N LEU C 38 23.33 -12.97 -12.53
CA LEU C 38 23.73 -12.62 -11.19
C LEU C 38 25.09 -13.18 -10.81
N THR C 39 25.53 -14.27 -11.45
CA THR C 39 26.86 -14.81 -11.21
C THR C 39 27.90 -14.24 -12.16
N GLY C 40 27.56 -13.23 -12.93
N GLY C 40 27.55 -13.26 -12.97
CA GLY C 40 28.55 -12.62 -13.79
CA GLY C 40 28.49 -12.56 -13.84
C GLY C 40 29.03 -13.54 -14.88
C GLY C 40 28.74 -13.24 -15.17
N ARG C 41 28.18 -14.43 -15.38
CA ARG C 41 28.52 -15.25 -16.52
C ARG C 41 28.04 -14.68 -17.86
N SER C 42 27.03 -13.82 -17.88
CA SER C 42 26.49 -13.30 -19.14
C SER C 42 26.85 -11.85 -19.38
N SER C 43 27.74 -11.28 -18.56
CA SER C 43 28.15 -9.90 -18.60
CA SER C 43 28.08 -9.88 -18.70
C SER C 43 29.33 -9.73 -19.56
N GLN C 44 29.97 -8.55 -19.50
CA GLN C 44 31.03 -8.19 -20.44
C GLN C 44 32.13 -9.25 -20.53
N VAL C 45 32.58 -9.74 -19.37
CA VAL C 45 33.71 -10.67 -19.31
C VAL C 45 33.29 -12.12 -19.49
N GLY C 46 31.99 -12.40 -19.57
CA GLY C 46 31.48 -13.72 -19.87
C GLY C 46 30.91 -13.80 -21.27
N SER C 47 29.65 -14.24 -21.41
CA SER C 47 29.05 -14.41 -22.72
C SER C 47 28.54 -13.10 -23.32
N SER C 48 28.57 -12.00 -22.56
CA SER C 48 28.29 -10.67 -23.10
CA SER C 48 28.28 -10.68 -23.08
C SER C 48 26.99 -10.64 -23.89
N ASN C 49 25.94 -11.26 -23.33
CA ASN C 49 24.64 -11.33 -23.97
C ASN C 49 23.48 -11.15 -22.99
N SER C 50 23.75 -10.75 -21.74
CA SER C 50 22.70 -10.59 -20.76
C SER C 50 21.61 -9.64 -21.24
N ALA C 51 20.38 -9.96 -20.85
CA ALA C 51 19.24 -9.09 -21.09
C ALA C 51 18.99 -8.08 -19.97
N PHE C 52 19.83 -8.03 -18.95
CA PHE C 52 19.60 -7.17 -17.79
C PHE C 52 20.68 -6.11 -17.65
N VAL C 53 20.29 -4.96 -17.09
CA VAL C 53 21.22 -3.93 -16.66
C VAL C 53 21.10 -3.82 -15.14
N SER C 54 22.17 -4.19 -14.43
CA SER C 54 22.18 -4.15 -12.98
C SER C 54 22.33 -2.74 -12.45
N THR C 55 21.64 -2.52 -11.32
CA THR C 55 21.69 -1.32 -10.52
C THR C 55 21.60 -1.75 -9.06
N SER C 56 21.96 -0.84 -8.15
CA SER C 56 21.86 -1.09 -6.71
C SER C 56 21.07 0.01 -6.02
N SER C 57 20.24 -0.38 -5.05
CA SER C 57 19.65 0.64 -4.20
C SER C 57 20.70 1.26 -3.28
N SER C 58 21.85 0.62 -3.13
CA SER C 58 22.93 1.08 -2.27
C SER C 58 23.96 1.82 -3.11
N ARG C 59 24.07 3.13 -2.91
CA ARG C 59 25.15 3.85 -3.57
C ARG C 59 26.50 3.28 -3.17
N ARG C 60 26.67 2.94 -1.89
CA ARG C 60 27.93 2.41 -1.42
C ARG C 60 28.38 1.19 -2.21
N TYR C 61 27.44 0.30 -2.58
CA TYR C 61 27.82 -0.87 -3.38
C TYR C 61 28.54 -0.45 -4.66
N THR C 62 28.01 0.56 -5.32
CA THR C 62 28.60 1.02 -6.58
C THR C 62 29.93 1.74 -6.34
N GLU C 63 30.07 2.40 -5.20
CA GLU C 63 31.35 3.02 -4.86
C GLU C 63 32.43 1.99 -4.61
N VAL C 64 32.08 0.88 -3.94
CA VAL C 64 33.04 -0.20 -3.74
C VAL C 64 33.47 -0.77 -5.08
N TYR C 65 32.53 -0.99 -5.98
CA TYR C 65 32.83 -1.49 -7.31
C TYR C 65 33.75 -0.51 -8.04
N LEU C 66 33.43 0.78 -8.02
CA LEU C 66 34.28 1.77 -8.67
C LEU C 66 35.69 1.75 -8.10
N GLU C 67 35.79 1.70 -6.77
CA GLU C 67 37.10 1.72 -6.12
C GLU C 67 37.95 0.53 -6.55
N HIS C 68 37.32 -0.64 -6.66
CA HIS C 68 38.06 -1.81 -7.12
C HIS C 68 38.55 -1.63 -8.56
N ARG C 69 37.66 -1.18 -9.44
CA ARG C 69 38.06 -1.01 -10.83
C ARG C 69 39.15 0.05 -10.95
N MET C 70 39.07 1.10 -10.14
CA MET C 70 40.08 2.14 -10.17
C MET C 70 41.42 1.60 -9.73
N GLN C 71 41.44 0.81 -8.65
CA GLN C 71 42.71 0.29 -8.16
C GLN C 71 43.31 -0.66 -9.20
N GLU C 72 42.48 -1.52 -9.79
CA GLU C 72 42.97 -2.41 -10.83
C GLU C 72 43.57 -1.62 -11.99
N ALA C 73 42.93 -0.52 -12.37
CA ALA C 73 43.37 0.26 -13.52
C ALA C 73 44.65 1.03 -13.20
N VAL C 74 44.78 1.57 -11.98
CA VAL C 74 46.01 2.24 -11.56
C VAL C 74 47.19 1.31 -11.76
N GLU C 75 47.08 0.11 -11.21
CA GLU C 75 48.17 -0.85 -11.26
C GLU C 75 48.48 -1.22 -12.70
N ALA C 76 47.44 -1.47 -13.51
CA ALA C 76 47.67 -1.79 -14.92
C ALA C 76 48.35 -0.63 -15.64
N GLU C 77 47.89 0.60 -15.38
CA GLU C 77 48.45 1.78 -16.03
C GLU C 77 49.94 1.93 -15.69
N ARG C 78 50.28 1.85 -14.40
CA ARG C 78 51.68 1.92 -13.99
C ARG C 78 52.50 0.80 -14.60
N ALA C 79 51.90 -0.37 -14.79
CA ALA C 79 52.61 -1.53 -15.29
C ALA C 79 52.80 -1.50 -16.80
N GLY C 80 52.41 -0.42 -17.47
CA GLY C 80 52.61 -0.31 -18.89
C GLY C 80 51.62 -1.08 -19.73
N ARG C 81 50.55 -1.58 -19.11
CA ARG C 81 49.51 -2.33 -19.81
C ARG C 81 48.15 -1.71 -19.55
N GLY C 82 48.11 -0.38 -19.48
CA GLY C 82 46.88 0.36 -19.29
C GLY C 82 46.38 1.00 -20.58
N THR C 83 45.17 1.55 -20.48
CA THR C 83 44.49 2.18 -21.59
C THR C 83 44.46 3.71 -21.47
N GLY C 84 45.31 4.27 -20.61
CA GLY C 84 45.28 5.68 -20.28
C GLY C 84 44.79 5.89 -18.85
N HIS C 85 44.58 7.15 -18.53
CA HIS C 85 44.14 7.52 -17.19
C HIS C 85 42.71 7.04 -16.94
N PHE C 86 42.46 6.58 -15.72
CA PHE C 86 41.19 5.98 -15.36
C PHE C 86 40.08 7.02 -15.22
N ILE C 87 38.92 6.69 -15.76
CA ILE C 87 37.69 7.41 -15.45
C ILE C 87 36.61 6.39 -15.18
N GLY C 88 35.91 6.54 -14.06
CA GLY C 88 34.77 5.70 -13.74
C GLY C 88 33.59 6.58 -13.36
N TYR C 89 32.40 6.03 -13.52
CA TYR C 89 31.17 6.80 -13.35
C TYR C 89 30.18 6.03 -12.51
N ILE C 90 29.52 6.75 -11.61
CA ILE C 90 28.37 6.24 -10.86
C ILE C 90 27.15 7.04 -11.26
N TYR C 91 26.21 6.37 -11.92
CA TYR C 91 24.97 6.98 -12.38
C TYR C 91 23.86 6.81 -11.35
N GLU C 92 23.12 7.89 -11.11
CA GLU C 92 21.95 7.89 -10.24
C GLU C 92 20.73 7.85 -11.16
N VAL C 93 19.85 6.88 -10.92
CA VAL C 93 18.82 6.46 -11.86
C VAL C 93 17.48 6.34 -11.14
N ARG C 94 16.43 6.86 -11.76
CA ARG C 94 15.08 6.64 -11.29
C ARG C 94 14.64 5.25 -11.73
N ALA C 95 14.25 4.41 -10.78
CA ALA C 95 13.72 3.10 -11.07
C ALA C 95 12.22 3.17 -11.40
N ASP C 96 11.78 2.24 -12.25
CA ASP C 96 10.37 2.13 -12.62
C ASP C 96 10.01 0.65 -12.67
N ASN C 97 8.79 0.36 -13.14
CA ASN C 97 8.24 -1.00 -13.11
C ASN C 97 9.01 -1.99 -13.97
N ASN C 98 9.95 -1.55 -14.80
CA ASN C 98 10.80 -2.47 -15.54
CA ASN C 98 10.85 -2.40 -15.57
C ASN C 98 12.09 -2.82 -14.79
N PHE C 99 12.20 -2.44 -13.52
CA PHE C 99 13.33 -2.80 -12.67
C PHE C 99 12.83 -3.81 -11.63
N TYR C 100 13.51 -4.96 -11.54
CA TYR C 100 13.06 -6.10 -10.75
C TYR C 100 14.09 -6.45 -9.69
N GLY C 101 13.64 -6.72 -8.48
CA GLY C 101 14.58 -7.08 -7.44
C GLY C 101 15.32 -8.36 -7.74
N ALA C 102 16.64 -8.31 -7.63
CA ALA C 102 17.47 -9.46 -7.90
C ALA C 102 17.21 -10.60 -6.93
N ALA C 103 17.05 -10.28 -5.62
CA ALA C 103 16.94 -11.34 -4.64
C ALA C 103 15.69 -12.18 -4.89
N SER C 104 14.55 -11.55 -5.03
CA SER C 104 13.32 -12.30 -5.26
CA SER C 104 13.35 -12.35 -5.23
C SER C 104 13.38 -13.06 -6.58
N SER C 105 13.97 -12.43 -7.59
CA SER C 105 14.13 -13.09 -8.88
C SER C 105 15.01 -14.32 -8.76
N TYR C 106 16.09 -14.20 -7.99
CA TYR C 106 17.02 -15.30 -7.80
C TYR C 106 16.35 -16.47 -7.07
N PHE C 107 15.66 -16.20 -5.98
CA PHE C 107 15.08 -17.29 -5.20
C PHE C 107 14.10 -18.08 -6.05
N GLU C 108 13.23 -17.37 -6.76
CA GLU C 108 12.26 -18.07 -7.60
C GLU C 108 12.97 -18.86 -8.68
N TYR C 109 13.99 -18.27 -9.32
CA TYR C 109 14.72 -18.98 -10.36
C TYR C 109 15.35 -20.26 -9.84
N VAL C 110 16.17 -20.17 -8.80
CA VAL C 110 16.92 -21.35 -8.35
CA VAL C 110 16.92 -21.34 -8.35
C VAL C 110 15.98 -22.39 -7.77
N ASP C 111 14.91 -21.97 -7.10
CA ASP C 111 13.97 -22.95 -6.55
C ASP C 111 13.26 -23.72 -7.64
N THR C 112 13.15 -23.14 -8.84
CA THR C 112 12.44 -23.75 -9.94
C THR C 112 13.36 -24.55 -10.85
N TYR C 113 14.53 -23.99 -11.18
CA TYR C 113 15.42 -24.57 -12.18
C TYR C 113 16.75 -25.03 -11.62
N GLY C 114 17.02 -24.78 -10.34
CA GLY C 114 18.25 -25.19 -9.71
C GLY C 114 19.44 -24.34 -10.12
N ASP C 115 20.56 -24.60 -9.46
CA ASP C 115 21.83 -23.99 -9.80
C ASP C 115 22.56 -24.85 -10.83
N ASN C 116 23.50 -24.23 -11.53
CA ASN C 116 24.26 -24.94 -12.56
C ASN C 116 25.10 -26.04 -11.91
N ALA C 117 25.27 -27.14 -12.65
CA ALA C 117 26.06 -28.29 -12.20
C ALA C 117 25.45 -28.94 -10.95
N GLY C 118 24.13 -28.93 -10.83
CA GLY C 118 23.48 -29.46 -9.65
C GLY C 118 23.94 -28.79 -8.37
N ARG C 119 24.52 -27.60 -8.48
CA ARG C 119 25.21 -26.94 -7.37
C ARG C 119 24.27 -26.57 -6.23
N ILE C 120 24.27 -27.37 -5.16
CA ILE C 120 23.77 -26.87 -3.90
C ILE C 120 24.57 -25.62 -3.54
N LEU C 121 23.96 -24.77 -2.73
CA LEU C 121 24.68 -23.69 -2.07
C LEU C 121 24.30 -23.76 -0.60
N ALA C 122 25.22 -24.30 0.22
CA ALA C 122 25.05 -24.31 1.67
C ALA C 122 24.55 -22.94 2.10
N GLY C 123 25.05 -21.91 1.42
CA GLY C 123 24.44 -20.59 1.44
C GLY C 123 24.70 -19.93 0.10
N ALA C 124 23.79 -19.04 -0.29
CA ALA C 124 23.98 -18.32 -1.54
C ALA C 124 25.33 -17.61 -1.53
N LEU C 125 25.93 -17.47 -2.71
CA LEU C 125 27.23 -16.82 -2.81
C LEU C 125 27.18 -15.35 -2.40
N ALA C 126 26.03 -14.72 -2.50
CA ALA C 126 25.92 -13.30 -2.22
C ALA C 126 24.49 -12.99 -1.80
N THR C 127 24.32 -11.92 -1.03
CA THR C 127 23.02 -11.30 -0.91
C THR C 127 22.80 -10.40 -2.12
N TYR C 128 21.68 -10.62 -2.81
CA TYR C 128 21.25 -9.82 -3.94
C TYR C 128 20.21 -8.79 -3.51
N GLN C 129 20.16 -8.50 -2.20
CA GLN C 129 19.05 -7.77 -1.62
C GLN C 129 18.94 -6.37 -2.19
N SER C 130 20.07 -5.73 -2.46
CA SER C 130 20.09 -4.35 -2.93
C SER C 130 20.15 -4.23 -4.45
N GLU C 131 20.30 -5.34 -5.19
CA GLU C 131 20.44 -5.29 -6.64
C GLU C 131 19.07 -5.30 -7.31
N TYR C 132 18.90 -4.43 -8.29
CA TYR C 132 17.69 -4.36 -9.10
C TYR C 132 18.08 -4.47 -10.58
N LEU C 133 17.39 -5.33 -11.30
CA LEU C 133 17.68 -5.63 -12.69
C LEU C 133 16.68 -4.90 -13.57
N ALA C 134 17.17 -3.97 -14.38
CA ALA C 134 16.33 -3.40 -15.41
C ALA C 134 16.30 -4.37 -16.59
N HIS C 135 15.10 -4.70 -17.07
CA HIS C 135 14.99 -5.61 -18.20
C HIS C 135 15.24 -4.84 -19.50
N ARG C 136 16.35 -5.23 -20.17
CA ARG C 136 16.78 -4.80 -21.50
C ARG C 136 17.23 -3.36 -21.64
N ARG C 137 16.60 -2.42 -20.95
CA ARG C 137 16.95 -1.02 -21.19
C ARG C 137 16.54 -0.13 -20.03
N ILE C 138 17.26 0.99 -19.91
CA ILE C 138 16.92 2.07 -19.00
C ILE C 138 16.89 3.32 -19.87
N PRO C 139 15.75 4.00 -20.02
N PRO C 139 15.75 4.00 -19.99
CA PRO C 139 15.72 5.15 -20.93
CA PRO C 139 15.70 5.17 -20.87
C PRO C 139 16.58 6.28 -20.42
C PRO C 139 16.62 6.27 -20.41
N PRO C 140 17.09 7.12 -21.32
CA PRO C 140 17.90 8.28 -20.89
C PRO C 140 17.15 9.20 -19.95
N GLU C 141 15.83 9.30 -20.11
CA GLU C 141 15.04 10.19 -19.26
C GLU C 141 14.97 9.71 -17.81
N ASN C 142 15.34 8.46 -17.52
CA ASN C 142 15.41 7.98 -16.14
C ASN C 142 16.74 8.31 -15.47
N ILE C 143 17.75 8.73 -16.23
CA ILE C 143 19.08 8.91 -15.66
CA ILE C 143 19.11 8.92 -15.72
C ILE C 143 19.19 10.35 -15.17
N ARG C 144 19.42 10.50 -13.87
CA ARG C 144 19.33 11.81 -13.24
C ARG C 144 20.66 12.56 -13.18
N ARG C 145 21.72 11.89 -12.73
CA ARG C 145 23.01 12.52 -12.61
C ARG C 145 24.10 11.45 -12.64
N VAL C 146 25.34 11.93 -12.64
CA VAL C 146 26.51 11.07 -12.64
C VAL C 146 27.56 11.66 -11.71
N THR C 147 28.33 10.78 -11.10
CA THR C 147 29.56 11.13 -10.42
C THR C 147 30.72 10.57 -11.24
N ARG C 148 31.60 11.46 -11.69
CA ARG C 148 32.78 11.12 -12.46
C ARG C 148 33.99 11.10 -11.55
N VAL C 149 34.66 9.95 -11.44
CA VAL C 149 35.87 9.80 -10.65
C VAL C 149 37.01 9.56 -11.62
N TYR C 150 37.96 10.49 -11.62
CA TYR C 150 39.12 10.48 -12.50
C TYR C 150 40.36 10.13 -11.67
N HIS C 151 41.28 9.34 -12.24
CA HIS C 151 42.53 9.06 -11.55
CA HIS C 151 42.52 9.03 -11.55
C HIS C 151 43.63 8.84 -12.58
N ASN C 152 44.61 9.75 -12.58
CA ASN C 152 45.86 9.55 -13.32
C ASN C 152 46.73 8.69 -12.42
N GLY C 153 46.86 7.40 -12.75
CA GLY C 153 47.57 6.46 -11.90
C GLY C 153 49.06 6.74 -11.78
N ILE C 154 49.60 7.56 -12.66
CA ILE C 154 51.03 7.89 -12.61
C ILE C 154 51.28 9.07 -11.68
N THR C 155 50.52 10.16 -11.84
CA THR C 155 50.76 11.37 -11.06
C THR C 155 49.96 11.43 -9.77
N GLY C 156 48.93 10.62 -9.64
CA GLY C 156 48.04 10.68 -8.50
C GLY C 156 46.92 11.67 -8.64
N GLU C 157 46.87 12.47 -9.70
CA GLU C 157 45.76 13.40 -9.91
C GLU C 157 44.43 12.66 -9.81
N THR C 158 43.56 13.14 -8.93
CA THR C 158 42.24 12.55 -8.85
C THR C 158 41.21 13.64 -8.59
N THR C 159 40.08 13.53 -9.27
CA THR C 159 38.97 14.45 -9.06
C THR C 159 37.67 13.66 -9.03
N THR C 160 36.69 14.20 -8.31
CA THR C 160 35.34 13.65 -8.28
C THR C 160 34.39 14.81 -8.57
N THR C 161 33.53 14.63 -9.57
CA THR C 161 32.72 15.71 -10.11
C THR C 161 31.32 15.18 -10.37
N GLU C 162 30.32 15.96 -9.97
CA GLU C 162 28.92 15.64 -10.20
C GLU C 162 28.39 16.44 -11.38
N TYR C 163 27.81 15.75 -12.37
CA TYR C 163 27.11 16.41 -13.47
C TYR C 163 25.68 15.91 -13.54
N SER C 164 24.80 16.73 -14.08
CA SER C 164 23.39 16.34 -14.13
C SER C 164 22.96 16.16 -15.58
N ASN C 165 21.92 15.36 -15.77
CA ASN C 165 21.34 15.11 -17.08
C ASN C 165 20.17 16.07 -17.31
N ALA C 166 20.38 17.02 -18.22
CA ALA C 166 19.33 17.98 -18.55
C ALA C 166 18.09 17.30 -19.11
N ARG C 167 18.22 16.10 -19.66
CA ARG C 167 17.10 15.35 -20.21
C ARG C 167 16.33 14.52 -19.17
N TYR C 168 16.76 14.50 -17.91
CA TYR C 168 16.05 13.74 -16.90
C TYR C 168 14.61 14.23 -16.79
N VAL C 169 13.67 13.29 -16.65
CA VAL C 169 12.27 13.59 -16.44
C VAL C 169 11.86 13.07 -15.08
N SER C 170 11.24 13.95 -14.29
CA SER C 170 10.85 13.61 -12.94
C SER C 170 9.46 12.99 -12.95
N GLN C 171 9.40 11.84 -13.58
CA GLN C 171 8.18 11.02 -13.60
CA GLN C 171 8.17 11.07 -13.57
C GLN C 171 8.07 10.27 -12.28
N GLN C 172 6.85 9.93 -11.91
CA GLN C 172 6.56 9.27 -10.63
C GLN C 172 6.60 7.77 -10.84
N THR C 173 7.74 7.13 -10.53
CA THR C 173 7.87 5.68 -10.69
C THR C 173 8.71 5.11 -9.54
N ARG C 174 8.56 3.82 -9.28
CA ARG C 174 9.52 3.09 -8.45
C ARG C 174 9.63 1.66 -8.97
N ALA C 175 10.59 0.92 -8.43
CA ALA C 175 10.85 -0.42 -8.94
C ALA C 175 9.64 -1.34 -8.76
N ASN C 176 9.60 -2.37 -9.59
CA ASN C 176 8.57 -3.38 -9.52
C ASN C 176 8.66 -4.14 -8.20
N PRO C 177 7.53 -4.46 -7.54
CA PRO C 177 7.61 -5.25 -6.30
C PRO C 177 7.74 -6.74 -6.52
N ASN C 178 7.66 -7.23 -7.75
CA ASN C 178 7.57 -8.65 -8.02
C ASN C 178 8.87 -9.17 -8.59
N PRO C 179 9.13 -10.48 -8.50
CA PRO C 179 10.29 -11.03 -9.18
C PRO C 179 10.17 -10.92 -10.70
N TYR C 180 11.31 -10.87 -11.37
CA TYR C 180 11.33 -11.09 -12.81
C TYR C 180 11.12 -12.57 -13.09
N THR C 181 10.22 -12.85 -14.03
CA THR C 181 10.05 -14.20 -14.54
C THR C 181 10.04 -14.11 -16.07
N SER C 182 10.64 -15.11 -16.71
CA SER C 182 10.70 -15.18 -18.16
C SER C 182 9.46 -15.87 -18.71
N GLY D 3 -11.67 13.11 12.68
CA GLY D 3 -11.28 13.01 11.24
C GLY D 3 -10.73 11.65 10.83
N ASP D 4 -10.25 10.88 11.82
CA ASP D 4 -9.75 9.53 11.61
C ASP D 4 -10.85 8.63 11.06
N PRO D 5 -10.48 7.52 10.42
CA PRO D 5 -11.49 6.55 10.01
C PRO D 5 -12.22 6.02 11.23
N PRO D 6 -13.48 5.62 11.08
CA PRO D 6 -14.26 5.20 12.24
C PRO D 6 -13.73 3.91 12.87
N ALA D 7 -13.84 3.84 14.21
CA ALA D 7 -13.59 2.59 14.92
C ALA D 7 -14.83 1.73 15.05
N THR D 8 -16.01 2.34 14.90
CA THR D 8 -17.29 1.65 15.08
C THR D 8 -18.20 2.00 13.92
N VAL D 9 -18.85 0.96 13.38
CA VAL D 9 -19.86 1.12 12.35
C VAL D 9 -21.07 0.27 12.74
N TYR D 10 -22.13 0.42 11.96
CA TYR D 10 -23.41 -0.22 12.24
C TYR D 10 -23.95 -0.89 10.98
N ARG D 11 -24.79 -1.90 11.17
CA ARG D 11 -25.40 -2.58 10.04
C ARG D 11 -26.80 -3.07 10.39
N TYR D 12 -27.78 -2.69 9.56
CA TYR D 12 -29.10 -3.32 9.59
C TYR D 12 -29.05 -4.65 8.85
N ASP D 13 -29.61 -5.68 9.47
CA ASP D 13 -29.70 -6.98 8.84
C ASP D 13 -30.92 -7.68 9.41
N SER D 14 -31.61 -8.48 8.59
CA SER D 14 -32.73 -9.26 9.09
C SER D 14 -32.31 -10.46 9.92
N ARG D 15 -31.05 -10.86 9.82
CA ARG D 15 -30.64 -12.10 10.44
C ARG D 15 -30.33 -11.90 11.92
N PRO D 16 -30.60 -12.92 12.73
CA PRO D 16 -30.54 -12.78 14.19
C PRO D 16 -29.16 -13.08 14.74
N PRO D 17 -28.93 -12.75 16.02
CA PRO D 17 -27.58 -12.87 16.57
C PRO D 17 -27.13 -14.32 16.74
N GLU D 18 -28.02 -15.30 16.85
CA GLU D 18 -27.52 -16.68 16.89
C GLU D 18 -26.63 -16.96 15.69
N ASP D 19 -27.01 -16.42 14.53
CA ASP D 19 -26.21 -16.51 13.30
C ASP D 19 -25.03 -15.55 13.38
N VAL D 20 -25.32 -14.25 13.46
CA VAL D 20 -24.27 -13.25 13.24
C VAL D 20 -23.21 -13.25 14.35
N PHE D 21 -23.63 -13.40 15.62
CA PHE D 21 -22.65 -13.35 16.71
C PHE D 21 -21.70 -14.55 16.70
N GLN D 22 -22.18 -15.70 16.25
CA GLN D 22 -21.33 -16.90 16.18
C GLN D 22 -20.56 -16.99 14.88
N ASN D 23 -21.15 -16.53 13.78
CA ASN D 23 -20.59 -16.79 12.47
C ASN D 23 -20.00 -15.56 11.81
N GLY D 24 -20.27 -14.36 12.33
CA GLY D 24 -19.91 -13.14 11.64
C GLY D 24 -20.84 -12.84 10.47
N PHE D 25 -20.42 -11.88 9.66
CA PHE D 25 -21.06 -11.61 8.37
C PHE D 25 -20.11 -12.09 7.28
N THR D 26 -20.62 -12.81 6.29
CA THR D 26 -19.84 -13.14 5.11
C THR D 26 -20.61 -12.64 3.90
N ALA D 27 -19.87 -12.03 2.98
CA ALA D 27 -20.49 -11.49 1.77
C ALA D 27 -21.04 -12.60 0.88
N TRP D 28 -21.92 -12.21 -0.04
CA TRP D 28 -22.57 -13.18 -0.92
C TRP D 28 -21.58 -13.96 -1.77
N GLY D 29 -20.57 -13.29 -2.31
CA GLY D 29 -19.72 -13.92 -3.31
C GLY D 29 -18.42 -13.19 -3.54
N ASN D 30 -17.90 -13.33 -4.77
CA ASN D 30 -16.59 -12.80 -5.10
C ASN D 30 -16.64 -11.61 -6.05
N ASN D 31 -17.80 -11.01 -6.26
CA ASN D 31 -17.93 -9.88 -7.17
C ASN D 31 -17.52 -8.62 -6.43
N ASP D 32 -16.26 -8.19 -6.58
CA ASP D 32 -15.76 -7.02 -5.87
C ASP D 32 -15.82 -5.76 -6.71
N ASN D 33 -16.80 -5.65 -7.61
CA ASN D 33 -17.00 -4.43 -8.37
C ASN D 33 -17.67 -3.38 -7.48
N VAL D 34 -16.96 -2.30 -7.17
CA VAL D 34 -17.42 -1.32 -6.19
C VAL D 34 -18.71 -0.65 -6.66
N LEU D 35 -18.78 -0.31 -7.95
CA LEU D 35 -19.95 0.38 -8.48
C LEU D 35 -21.18 -0.50 -8.44
N GLU D 36 -21.06 -1.77 -8.83
CA GLU D 36 -22.20 -2.67 -8.73
C GLU D 36 -22.68 -2.80 -7.29
N HIS D 37 -21.75 -2.85 -6.34
CA HIS D 37 -22.18 -2.98 -4.96
C HIS D 37 -22.93 -1.73 -4.48
N LEU D 38 -22.33 -0.56 -4.68
CA LEU D 38 -22.87 0.65 -4.08
C LEU D 38 -24.21 1.02 -4.70
N THR D 39 -24.42 0.66 -5.96
CA THR D 39 -25.68 0.99 -6.61
C THR D 39 -26.74 -0.08 -6.38
N GLY D 40 -26.44 -1.08 -5.57
CA GLY D 40 -27.41 -2.07 -5.19
C GLY D 40 -27.67 -3.14 -6.23
N ARG D 41 -26.72 -3.38 -7.14
CA ARG D 41 -26.91 -4.38 -8.17
C ARG D 41 -26.39 -5.77 -7.82
N SER D 42 -25.44 -5.89 -6.90
CA SER D 42 -24.86 -7.19 -6.57
C SER D 42 -25.32 -7.74 -5.22
N SER D 43 -26.33 -7.14 -4.60
CA SER D 43 -26.78 -7.60 -3.30
CA SER D 43 -26.82 -7.55 -3.30
C SER D 43 -27.96 -8.57 -3.46
N GLN D 44 -28.71 -8.79 -2.38
CA GLN D 44 -29.67 -9.89 -2.27
C GLN D 44 -30.66 -9.93 -3.44
N VAL D 45 -31.23 -8.78 -3.79
CA VAL D 45 -32.28 -8.75 -4.83
C VAL D 45 -31.69 -8.58 -6.22
N GLY D 46 -30.40 -8.32 -6.34
CA GLY D 46 -29.73 -8.25 -7.62
C GLY D 46 -29.03 -9.55 -7.96
N SER D 47 -27.73 -9.48 -8.24
CA SER D 47 -26.98 -10.67 -8.64
C SER D 47 -26.50 -11.48 -7.45
N SER D 48 -26.72 -10.99 -6.21
CA SER D 48 -26.49 -11.76 -4.99
C SER D 48 -25.11 -12.42 -4.97
N ASN D 49 -24.10 -11.66 -5.37
CA ASN D 49 -22.74 -12.18 -5.46
C ASN D 49 -21.71 -11.16 -5.01
N SER D 50 -22.12 -10.07 -4.36
CA SER D 50 -21.18 -9.07 -3.93
C SER D 50 -20.13 -9.66 -2.98
N ALA D 51 -18.91 -9.13 -3.12
CA ALA D 51 -17.82 -9.42 -2.19
C ALA D 51 -17.78 -8.49 -0.99
N PHE D 52 -18.74 -7.58 -0.82
CA PHE D 52 -18.68 -6.60 0.26
C PHE D 52 -19.83 -6.79 1.22
N VAL D 53 -19.57 -6.42 2.49
CA VAL D 53 -20.61 -6.26 3.50
C VAL D 53 -20.66 -4.80 3.88
N SER D 54 -21.76 -4.12 3.57
CA SER D 54 -21.91 -2.71 3.91
C SER D 54 -22.23 -2.47 5.39
N THR D 55 -21.66 -1.39 5.89
CA THR D 55 -21.87 -0.84 7.21
C THR D 55 -21.90 0.67 7.09
N SER D 56 -22.39 1.36 8.15
CA SER D 56 -22.42 2.81 8.19
C SER D 56 -21.76 3.32 9.46
N SER D 57 -20.98 4.41 9.36
CA SER D 57 -20.57 5.08 10.60
C SER D 57 -21.74 5.77 11.28
N SER D 58 -22.88 5.92 10.61
CA SER D 58 -24.06 6.58 11.17
C SER D 58 -25.05 5.52 11.61
N ARG D 59 -25.30 5.41 12.91
CA ARG D 59 -26.34 4.51 13.37
CA ARG D 59 -26.34 4.50 13.36
C ARG D 59 -27.69 4.90 12.79
N ARG D 60 -27.97 6.21 12.70
CA ARG D 60 -29.26 6.65 12.19
C ARG D 60 -29.52 6.12 10.78
N TYR D 61 -28.49 6.04 9.93
CA TYR D 61 -28.68 5.47 8.60
C TYR D 61 -29.29 4.08 8.67
N THR D 62 -28.80 3.24 9.59
CA THR D 62 -29.31 1.87 9.70
C THR D 62 -30.69 1.84 10.34
N GLU D 63 -31.01 2.83 11.20
CA GLU D 63 -32.34 2.91 11.78
CA GLU D 63 -32.34 2.94 11.78
C GLU D 63 -33.37 3.28 10.72
N VAL D 64 -33.02 4.21 9.82
CA VAL D 64 -33.92 4.54 8.72
C VAL D 64 -34.19 3.31 7.87
N TYR D 65 -33.13 2.54 7.59
CA TYR D 65 -33.28 1.32 6.82
C TYR D 65 -34.20 0.35 7.54
N LEU D 66 -33.98 0.14 8.85
CA LEU D 66 -34.83 -0.74 9.62
C LEU D 66 -36.28 -0.28 9.55
N GLU D 67 -36.49 1.03 9.70
CA GLU D 67 -37.84 1.56 9.71
C GLU D 67 -38.54 1.32 8.38
N HIS D 68 -37.79 1.43 7.28
CA HIS D 68 -38.34 1.12 5.96
C HIS D 68 -38.77 -0.34 5.88
N ARG D 69 -37.91 -1.25 6.33
CA ARG D 69 -38.25 -2.67 6.28
C ARG D 69 -39.43 -2.97 7.18
N MET D 70 -39.52 -2.33 8.35
CA MET D 70 -40.69 -2.53 9.20
C MET D 70 -41.96 -2.12 8.47
N GLN D 71 -41.93 -1.00 7.76
CA GLN D 71 -43.12 -0.54 7.07
C GLN D 71 -43.43 -1.44 5.87
N GLU D 72 -42.40 -1.94 5.18
CA GLU D 72 -42.62 -2.90 4.11
C GLU D 72 -43.32 -4.13 4.65
N ALA D 73 -42.93 -4.58 5.85
CA ALA D 73 -43.59 -5.73 6.46
C ALA D 73 -45.07 -5.43 6.74
N VAL D 74 -45.39 -4.21 7.18
CA VAL D 74 -46.79 -3.80 7.34
C VAL D 74 -47.52 -3.95 6.01
N GLU D 75 -46.95 -3.39 4.94
CA GLU D 75 -47.61 -3.47 3.64
C GLU D 75 -47.85 -4.91 3.22
N ALA D 76 -46.84 -5.77 3.34
CA ALA D 76 -46.99 -7.15 2.91
C ALA D 76 -48.07 -7.85 3.72
N GLU D 77 -48.18 -7.55 5.01
CA GLU D 77 -49.18 -8.18 5.86
C GLU D 77 -50.58 -7.75 5.47
N ARG D 78 -50.80 -6.44 5.29
CA ARG D 78 -52.16 -5.95 5.08
C ARG D 78 -52.56 -6.05 3.61
N ALA D 79 -51.74 -5.49 2.71
CA ALA D 79 -52.03 -5.59 1.28
C ALA D 79 -52.31 -7.04 0.89
N GLY D 80 -51.37 -7.92 1.20
CA GLY D 80 -51.51 -9.33 0.88
C GLY D 80 -51.31 -10.22 2.08
N ARG D 81 -50.11 -10.80 2.21
CA ARG D 81 -49.86 -11.79 3.25
C ARG D 81 -48.44 -11.66 3.75
N GLY D 82 -48.30 -11.36 5.05
CA GLY D 82 -46.99 -11.17 5.66
C GLY D 82 -46.35 -12.46 6.13
N THR D 83 -45.19 -12.30 6.76
CA THR D 83 -44.38 -13.39 7.29
C THR D 83 -44.47 -13.51 8.80
N GLY D 84 -45.34 -12.74 9.44
CA GLY D 84 -45.41 -12.65 10.88
C GLY D 84 -44.96 -11.28 11.37
N HIS D 85 -44.94 -11.16 12.69
CA HIS D 85 -44.55 -9.89 13.29
C HIS D 85 -43.11 -9.57 12.93
N PHE D 86 -42.87 -8.30 12.66
CA PHE D 86 -41.55 -7.87 12.19
C PHE D 86 -40.50 -8.00 13.29
N ILE D 87 -39.33 -8.50 12.91
CA ILE D 87 -38.15 -8.56 13.76
C ILE D 87 -37.01 -8.06 12.90
N GLY D 88 -36.32 -7.02 13.36
CA GLY D 88 -35.16 -6.52 12.68
C GLY D 88 -34.03 -6.26 13.65
N TYR D 89 -32.81 -6.19 13.11
CA TYR D 89 -31.62 -6.09 13.94
C TYR D 89 -30.69 -5.00 13.45
N ILE D 90 -30.13 -4.24 14.40
CA ILE D 90 -29.06 -3.30 14.11
C ILE D 90 -27.83 -3.77 14.88
N TYR D 91 -26.78 -4.12 14.16
CA TYR D 91 -25.54 -4.60 14.73
C TYR D 91 -24.54 -3.46 14.84
N GLU D 92 -23.82 -3.43 15.96
CA GLU D 92 -22.72 -2.49 16.20
C GLU D 92 -21.43 -3.30 16.10
N VAL D 93 -20.50 -2.80 15.28
CA VAL D 93 -19.34 -3.54 14.78
C VAL D 93 -18.09 -2.68 14.94
N ARG D 94 -17.00 -3.30 15.40
CA ARG D 94 -15.67 -2.67 15.35
C ARG D 94 -15.11 -2.82 13.93
N ALA D 95 -14.76 -1.69 13.33
CA ALA D 95 -14.13 -1.66 12.02
C ALA D 95 -12.64 -1.91 12.15
N ASP D 96 -12.05 -2.54 11.13
CA ASP D 96 -10.61 -2.77 11.03
C ASP D 96 -10.12 -2.47 9.61
N ASN D 97 -8.86 -2.80 9.32
CA ASN D 97 -8.24 -2.46 8.05
CA ASN D 97 -8.27 -2.43 8.04
C ASN D 97 -8.85 -3.20 6.86
N ASN D 98 -9.77 -4.13 7.10
CA ASN D 98 -10.51 -4.79 6.05
CA ASN D 98 -10.50 -4.77 6.02
C ASN D 98 -11.81 -4.06 5.71
N PHE D 99 -12.04 -2.90 6.31
CA PHE D 99 -13.20 -2.05 6.04
C PHE D 99 -12.70 -0.82 5.27
N TYR D 100 -13.35 -0.52 4.15
CA TYR D 100 -12.89 0.54 3.26
C TYR D 100 -14.00 1.57 3.06
N GLY D 101 -13.64 2.84 3.08
CA GLY D 101 -14.63 3.87 2.85
C GLY D 101 -15.25 3.78 1.47
N ALA D 102 -16.58 3.81 1.45
CA ALA D 102 -17.29 3.71 0.17
C ALA D 102 -17.06 4.93 -0.69
N ALA D 103 -17.02 6.13 -0.12
CA ALA D 103 -16.88 7.33 -0.94
C ALA D 103 -15.56 7.32 -1.69
N SER D 104 -14.44 7.15 -0.99
CA SER D 104 -13.16 7.15 -1.69
CA SER D 104 -13.15 7.14 -1.68
C SER D 104 -13.07 5.98 -2.68
N SER D 105 -13.62 4.82 -2.31
CA SER D 105 -13.58 3.69 -3.23
C SER D 105 -14.38 4.00 -4.47
N TYR D 106 -15.54 4.64 -4.31
CA TYR D 106 -16.39 5.01 -5.43
C TYR D 106 -15.69 6.00 -6.36
N PHE D 107 -15.11 7.06 -5.80
CA PHE D 107 -14.50 8.09 -6.64
C PHE D 107 -13.34 7.50 -7.42
N GLU D 108 -12.50 6.72 -6.75
CA GLU D 108 -11.39 6.08 -7.44
C GLU D 108 -11.90 5.19 -8.57
N TYR D 109 -12.91 4.37 -8.26
CA TYR D 109 -13.44 3.47 -9.24
C TYR D 109 -14.00 4.16 -10.46
N VAL D 110 -14.91 5.12 -10.28
CA VAL D 110 -15.59 5.73 -11.41
C VAL D 110 -14.62 6.58 -12.23
N ASP D 111 -13.65 7.21 -11.56
CA ASP D 111 -12.70 8.02 -12.33
C ASP D 111 -11.81 7.13 -13.22
N THR D 112 -11.70 5.86 -12.86
CA THR D 112 -10.84 4.95 -13.61
C THR D 112 -11.62 4.22 -14.69
N TYR D 113 -12.78 3.66 -14.32
CA TYR D 113 -13.52 2.75 -15.18
C TYR D 113 -14.85 3.31 -15.68
N GLY D 114 -15.26 4.48 -15.17
CA GLY D 114 -16.51 5.08 -15.57
C GLY D 114 -17.72 4.40 -14.95
N ASP D 115 -18.88 4.97 -15.24
CA ASP D 115 -20.15 4.40 -14.85
C ASP D 115 -20.69 3.53 -15.97
N ASN D 116 -21.62 2.65 -15.63
CA ASN D 116 -22.22 1.79 -16.64
C ASN D 116 -22.99 2.62 -17.66
N ALA D 117 -22.96 2.16 -18.91
CA ALA D 117 -23.65 2.80 -20.02
C ALA D 117 -23.06 4.16 -20.39
N GLY D 118 -21.79 4.39 -20.08
CA GLY D 118 -21.14 5.65 -20.37
C GLY D 118 -21.75 6.81 -19.62
N ARG D 119 -22.65 6.50 -18.68
CA ARG D 119 -23.43 7.53 -18.01
C ARG D 119 -22.53 8.55 -17.32
N ILE D 120 -22.84 9.82 -17.52
CA ILE D 120 -22.22 10.93 -16.80
C ILE D 120 -23.31 11.52 -15.92
N LEU D 121 -23.41 11.06 -14.69
CA LEU D 121 -24.35 11.66 -13.75
C LEU D 121 -24.00 13.13 -13.60
N ALA D 122 -25.01 13.99 -13.60
CA ALA D 122 -24.76 15.39 -13.24
C ALA D 122 -24.36 15.53 -11.78
N GLY D 123 -24.40 14.43 -11.03
CA GLY D 123 -23.93 14.34 -9.66
C GLY D 123 -24.15 12.91 -9.21
N ALA D 124 -23.34 12.41 -8.28
CA ALA D 124 -23.52 11.04 -7.83
C ALA D 124 -24.93 10.87 -7.26
N LEU D 125 -25.44 9.63 -7.35
CA LEU D 125 -26.80 9.34 -6.90
C LEU D 125 -26.92 9.50 -5.38
N ALA D 126 -25.84 9.30 -4.64
CA ALA D 126 -25.90 9.30 -3.19
C ALA D 126 -24.60 9.82 -2.63
N THR D 127 -24.65 10.29 -1.39
CA THR D 127 -23.45 10.55 -0.61
C THR D 127 -23.04 9.24 0.05
N TYR D 128 -21.86 8.75 -0.31
CA TYR D 128 -21.32 7.50 0.22
C TYR D 128 -20.43 7.73 1.44
N GLN D 129 -20.48 8.94 2.02
CA GLN D 129 -19.48 9.38 2.98
C GLN D 129 -19.46 8.50 4.22
N SER D 130 -20.63 8.05 4.66
CA SER D 130 -20.74 7.30 5.90
C SER D 130 -20.69 5.79 5.71
N GLU D 131 -20.66 5.29 4.48
CA GLU D 131 -20.69 3.85 4.25
C GLU D 131 -19.27 3.30 4.20
N TYR D 132 -19.09 2.15 4.85
CA TYR D 132 -17.82 1.44 4.89
C TYR D 132 -18.06 0.00 4.45
N LEU D 133 -17.20 -0.49 3.57
CA LEU D 133 -17.36 -1.80 2.96
C LEU D 133 -16.35 -2.75 3.58
N ALA D 134 -16.80 -3.78 4.27
CA ALA D 134 -15.89 -4.84 4.68
C ALA D 134 -15.71 -5.78 3.50
N HIS D 135 -14.46 -6.10 3.18
CA HIS D 135 -14.18 -7.01 2.09
C HIS D 135 -14.36 -8.44 2.56
N ARG D 136 -15.35 -9.12 1.96
CA ARG D 136 -15.66 -10.53 2.10
C ARG D 136 -16.23 -10.99 3.44
N ARG D 137 -15.75 -10.46 4.56
CA ARG D 137 -16.19 -11.04 5.81
C ARG D 137 -15.89 -10.08 6.95
N ILE D 138 -16.77 -10.12 7.94
CA ILE D 138 -16.60 -9.47 9.23
C ILE D 138 -16.61 -10.60 10.25
N PRO D 139 -15.53 -10.83 11.00
CA PRO D 139 -15.52 -11.96 11.90
C PRO D 139 -16.43 -11.73 13.10
N PRO D 140 -16.90 -12.81 13.72
CA PRO D 140 -17.72 -12.65 14.92
C PRO D 140 -17.04 -11.82 15.99
N GLU D 141 -15.70 -11.89 16.08
CA GLU D 141 -14.94 -11.18 17.09
C GLU D 141 -15.05 -9.66 16.94
N ASN D 142 -15.47 -9.15 15.78
CA ASN D 142 -15.65 -7.72 15.58
C ASN D 142 -17.05 -7.25 15.96
N ILE D 143 -17.98 -8.15 16.20
CA ILE D 143 -19.38 -7.80 16.31
C ILE D 143 -19.67 -7.60 17.79
N ARG D 144 -19.94 -6.35 18.20
CA ARG D 144 -20.00 -5.97 19.60
C ARG D 144 -21.34 -6.23 20.21
N ARG D 145 -22.40 -5.82 19.57
CA ARG D 145 -23.71 -5.89 20.18
CA ARG D 145 -23.72 -5.95 20.16
C ARG D 145 -24.78 -5.79 19.09
N VAL D 146 -26.02 -6.03 19.50
CA VAL D 146 -27.16 -5.94 18.59
C VAL D 146 -28.33 -5.30 19.33
N THR D 147 -29.14 -4.58 18.57
CA THR D 147 -30.44 -4.11 19.01
C THR D 147 -31.51 -4.86 18.20
N ARG D 148 -32.40 -5.56 18.90
CA ARG D 148 -33.49 -6.30 18.28
C ARG D 148 -34.76 -5.48 18.42
N VAL D 149 -35.39 -5.17 17.28
CA VAL D 149 -36.63 -4.41 17.25
C VAL D 149 -37.72 -5.37 16.79
N TYR D 150 -38.72 -5.56 17.62
CA TYR D 150 -39.86 -6.43 17.37
C TYR D 150 -41.11 -5.57 17.32
N HIS D 151 -41.98 -5.81 16.34
CA HIS D 151 -43.20 -5.03 16.18
C HIS D 151 -44.34 -5.93 15.74
N ASN D 152 -45.36 -6.03 16.59
CA ASN D 152 -46.64 -6.64 16.24
C ASN D 152 -47.47 -5.54 15.60
N GLY D 153 -47.54 -5.58 14.26
CA GLY D 153 -48.23 -4.54 13.50
C GLY D 153 -49.73 -4.56 13.66
N ILE D 154 -50.27 -5.60 14.28
CA ILE D 154 -51.70 -5.70 14.51
C ILE D 154 -52.09 -5.07 15.83
N THR D 155 -51.39 -5.42 16.92
CA THR D 155 -51.77 -4.93 18.24
C THR D 155 -51.06 -3.62 18.63
N GLY D 156 -49.96 -3.29 17.97
CA GLY D 156 -49.14 -2.17 18.33
C GLY D 156 -47.98 -2.49 19.26
N GLU D 157 -47.93 -3.71 19.81
CA GLU D 157 -46.85 -4.06 20.73
C GLU D 157 -45.50 -3.94 20.05
N THR D 158 -44.56 -3.29 20.73
CA THR D 158 -43.19 -3.17 20.26
C THR D 158 -42.22 -3.39 21.42
N THR D 159 -41.13 -4.08 21.14
CA THR D 159 -40.04 -4.20 22.10
C THR D 159 -38.73 -3.91 21.39
N THR D 160 -37.79 -3.37 22.17
CA THR D 160 -36.42 -3.14 21.73
C THR D 160 -35.50 -3.71 22.79
N THR D 161 -34.61 -4.60 22.38
CA THR D 161 -33.77 -5.37 23.30
C THR D 161 -32.32 -5.20 22.89
N GLU D 162 -31.45 -4.89 23.84
CA GLU D 162 -30.01 -4.85 23.59
C GLU D 162 -29.38 -6.16 24.05
N TYR D 163 -28.38 -6.62 23.31
CA TYR D 163 -27.73 -7.88 23.64
C TYR D 163 -26.29 -7.78 23.15
N SER D 164 -25.36 -8.04 24.04
CA SER D 164 -23.94 -8.01 23.71
C SER D 164 -23.44 -9.37 23.25
N ASN D 165 -22.44 -9.35 22.37
CA ASN D 165 -21.84 -10.57 21.85
C ASN D 165 -20.68 -11.02 22.75
N ALA D 166 -20.84 -12.18 23.38
CA ALA D 166 -19.78 -12.71 24.23
C ALA D 166 -18.51 -13.02 23.45
N ARG D 167 -18.66 -13.23 22.14
CA ARG D 167 -17.40 -13.45 21.33
CA ARG D 167 -17.49 -13.44 21.30
C ARG D 167 -16.58 -12.14 20.80
N TYR D 168 -17.16 -11.01 21.22
CA TYR D 168 -16.49 -9.77 20.83
C TYR D 168 -15.11 -9.66 21.49
N VAL D 169 -14.13 -9.22 20.71
CA VAL D 169 -12.76 -9.02 21.17
C VAL D 169 -12.47 -7.53 21.15
N SER D 170 -12.10 -6.99 22.31
N SER D 170 -11.89 -7.00 22.23
CA SER D 170 -11.63 -5.62 22.40
CA SER D 170 -11.73 -5.55 22.37
C SER D 170 -10.22 -5.56 21.84
C SER D 170 -10.31 -5.11 21.97
N GLN D 171 -10.08 -5.00 20.66
CA GLN D 171 -8.77 -4.70 20.07
CA GLN D 171 -8.76 -4.66 20.15
C GLN D 171 -8.81 -3.31 19.46
N GLN D 172 -7.66 -2.62 19.43
CA GLN D 172 -7.54 -1.30 18.80
CA GLN D 172 -7.58 -1.31 18.81
C GLN D 172 -7.45 -1.48 17.30
N THR D 173 -8.54 -1.22 16.61
CA THR D 173 -8.54 -1.18 15.15
C THR D 173 -9.49 -0.07 14.72
N ARG D 174 -9.29 0.42 13.50
CA ARG D 174 -10.19 1.35 12.83
C ARG D 174 -10.24 0.97 11.36
N ALA D 175 -11.19 1.55 10.64
CA ALA D 175 -11.27 1.28 9.21
C ALA D 175 -9.99 1.71 8.50
N ASN D 176 -9.79 1.09 7.35
CA ASN D 176 -8.67 1.44 6.49
C ASN D 176 -8.83 2.88 6.01
N PRO D 177 -7.76 3.67 5.95
CA PRO D 177 -7.87 5.03 5.42
C PRO D 177 -7.85 5.14 3.91
N ASN D 178 -7.63 4.04 3.20
CA ASN D 178 -7.44 4.03 1.75
C ASN D 178 -8.65 3.46 1.04
N PRO D 179 -8.81 3.77 -0.25
CA PRO D 179 -9.89 3.15 -1.01
C PRO D 179 -9.66 1.66 -1.19
N TYR D 180 -10.75 0.92 -1.37
CA TYR D 180 -10.65 -0.45 -1.84
C TYR D 180 -10.32 -0.44 -3.32
N THR D 181 -9.26 -1.15 -3.68
CA THR D 181 -8.89 -1.39 -5.07
C THR D 181 -8.74 -2.90 -5.25
N SER D 182 -9.20 -3.40 -6.38
CA SER D 182 -9.18 -4.84 -6.61
C SER D 182 -7.75 -5.32 -6.86
N ARG D 183 -7.37 -6.41 -6.20
CA ARG D 183 -6.03 -7.00 -6.31
C ARG D 183 -4.99 -6.14 -5.60
#